data_3PT9
#
_entry.id   3PT9
#
_cell.length_a   75.567
_cell.length_b   79.685
_cell.length_c   162.650
_cell.angle_alpha   90.00
_cell.angle_beta   90.00
_cell.angle_gamma   90.00
#
_symmetry.space_group_name_H-M   'P 21 21 21'
#
loop_
_entity.id
_entity.type
_entity.pdbx_description
1 polymer 'DNA (cytosine-5)-methyltransferase 1'
2 non-polymer S-ADENOSYL-L-HOMOCYSTEINE
3 non-polymer 'ZINC ION'
4 water water
#
_entity_poly.entity_id   1
_entity_poly.type   'polypeptide(L)'
_entity_poly.pdbx_seq_one_letter_code
;SKDRISWLGQPMKIEENRTYYQKVSIDEEMLEVGDCVSVIPDDSSKPLYLARVTALWEDKNGQMMFHAHWFCAGTDTVLG
ATSDPLELFLVGECENMQLSYIHSKVKVIYKAPSENWAMEGGTDPETTLPGAEDGKTYFFQLWYNQEYARFESPPKTQPT
EDNKHKFCLSCIRLAELRQKEMPKVLEQIEEVDGRVYCSSITKNGVVYRLGDSVYLPPEAFTFNIKVASPVKRPKKDPVN
ETLYPEHYRKYSDYIKGSNLDAPEPYRIGRIKEIHCGKKKGKVNEADIKLRLYKFYRPENTHRSYNGSYHTDINMLYWSD
EEAVVNFSDVQGRCTVEYGEDLLESIQDYSQGGPDRFYFLEAYNSKTKNFEDPPNHARSPGNKGKGKGKGKGKGKHQVSE
PKEPEAAIKLPKLRTLDVFSGCGGLSEGFHQAGISETLWAIEMWDPAAQAFRLNNPGTTVFTEDCNVLLKLVMAGEVTNS
LGQRLPQKGDVEMLCGGPPCQGFSGMNRFNSRTYSKFKNSLVVSFLSYCDYYRPRFFLLENVRNFVSYRRSMVLKLTLRC
LVRMGYQCTFGVLQAGQYGVAQTRRRAIILAAAPGEKLPLFPEPLHVFAPRACQLSVVVDDKKFVSNITRLSSGPFRTIT
VRDTMSDLPEIQNGASNSEIPYNGEPLSWFQRQLRGSHYQPILRDHICKDMSPLVAARMRHIPLFPGSDWRDLPNIQVRL
GDGVIAHKLQYTFHDVKNGYSSTGALRGVCSCAEGKACDPESRQFSTLIPWCLPHTGNRHNHWAGLYGRLEWDGFFSTTV
TNPEPMGKQGRVLHPEQHRVVSVRECARSQGFPDSYRFFGNILDRHRQVGNAVPPPLAKAIGLEIKLCLLSSA
;
_entity_poly.pdbx_strand_id   A
#
loop_
_chem_comp.id
_chem_comp.type
_chem_comp.name
_chem_comp.formula
ZN non-polymer 'ZINC ION' 'Zn 2'
#
# COMPACT_ATOMS: atom_id res chain seq x y z
N SER A 1 -34.84 -33.50 0.36
CA SER A 1 -34.47 -34.87 0.73
C SER A 1 -34.71 -35.81 -0.44
N LYS A 2 -33.87 -36.84 -0.55
CA LYS A 2 -33.97 -37.79 -1.66
C LYS A 2 -33.99 -39.23 -1.14
N ASP A 3 -35.01 -39.99 -1.54
CA ASP A 3 -35.14 -41.38 -1.08
C ASP A 3 -34.89 -42.41 -2.17
N ARG A 4 -35.33 -42.12 -3.39
CA ARG A 4 -35.21 -43.08 -4.48
C ARG A 4 -34.01 -42.79 -5.38
N ILE A 5 -32.84 -43.21 -4.93
CA ILE A 5 -31.57 -42.86 -5.57
C ILE A 5 -30.89 -44.06 -6.20
N SER A 6 -30.86 -44.10 -7.53
CA SER A 6 -30.26 -45.22 -8.24
C SER A 6 -29.39 -44.75 -9.40
N TRP A 7 -28.24 -45.41 -9.58
CA TRP A 7 -27.32 -45.03 -10.64
C TRP A 7 -27.91 -45.25 -12.02
N LEU A 8 -27.31 -44.62 -13.02
CA LEU A 8 -27.71 -44.81 -14.41
C LEU A 8 -26.46 -45.06 -15.25
N GLY A 9 -26.55 -46.01 -16.18
CA GLY A 9 -25.47 -46.29 -17.11
C GLY A 9 -24.26 -46.95 -16.49
N GLN A 10 -23.27 -47.25 -17.33
CA GLN A 10 -22.04 -47.87 -16.87
C GLN A 10 -21.19 -46.87 -16.07
N PRO A 11 -20.52 -47.36 -15.01
CA PRO A 11 -19.63 -46.50 -14.23
C PRO A 11 -18.63 -45.80 -15.14
N MET A 12 -18.35 -44.53 -14.85
CA MET A 12 -17.35 -43.77 -15.61
C MET A 12 -15.94 -44.29 -15.30
N LYS A 13 -15.69 -44.57 -14.02
CA LYS A 13 -14.40 -45.08 -13.58
C LYS A 13 -14.55 -45.76 -12.23
N ILE A 14 -13.76 -46.81 -12.02
CA ILE A 14 -13.78 -47.53 -10.76
C ILE A 14 -12.42 -47.47 -10.06
N GLU A 15 -12.27 -46.53 -9.15
CA GLU A 15 -11.13 -46.49 -8.25
C GLU A 15 -11.19 -47.67 -7.30
N GLU A 16 -10.22 -47.73 -6.38
CA GLU A 16 -10.19 -48.79 -5.39
C GLU A 16 -11.29 -48.57 -4.34
N ASN A 17 -11.52 -47.32 -3.97
CA ASN A 17 -12.45 -47.00 -2.89
C ASN A 17 -13.75 -46.34 -3.37
N ARG A 18 -13.78 -45.95 -4.64
CA ARG A 18 -14.95 -45.28 -5.22
C ARG A 18 -15.29 -45.87 -6.58
N THR A 19 -16.59 -45.94 -6.89
CA THR A 19 -17.00 -46.20 -8.26
C THR A 19 -17.79 -44.99 -8.77
N TYR A 20 -17.27 -44.33 -9.80
CA TYR A 20 -17.85 -43.09 -10.31
C TYR A 20 -18.93 -43.34 -11.38
N TYR A 21 -19.95 -42.49 -11.38
CA TYR A 21 -21.02 -42.57 -12.36
C TYR A 21 -21.22 -41.20 -12.97
N GLN A 22 -21.75 -41.16 -14.20
CA GLN A 22 -21.99 -39.90 -14.86
C GLN A 22 -23.38 -39.36 -14.58
N LYS A 23 -24.33 -40.27 -14.37
CA LYS A 23 -25.70 -39.88 -14.10
C LYS A 23 -26.26 -40.66 -12.92
N VAL A 24 -27.16 -40.01 -12.18
CA VAL A 24 -27.91 -40.67 -11.13
C VAL A 24 -29.37 -40.27 -11.24
N SER A 25 -30.26 -41.15 -10.81
CA SER A 25 -31.67 -40.83 -10.77
C SER A 25 -32.07 -40.55 -9.34
N ILE A 26 -32.50 -39.32 -9.08
CA ILE A 26 -32.95 -38.95 -7.74
C ILE A 26 -34.45 -38.65 -7.78
N ASP A 27 -35.22 -39.46 -7.06
CA ASP A 27 -36.68 -39.36 -7.07
C ASP A 27 -37.23 -39.20 -8.49
N GLU A 28 -36.77 -40.08 -9.38
CA GLU A 28 -37.24 -40.10 -10.76
C GLU A 28 -36.73 -38.92 -11.57
N GLU A 29 -35.73 -38.22 -11.06
CA GLU A 29 -35.16 -37.10 -11.81
C GLU A 29 -33.68 -37.30 -12.18
N MET A 30 -33.41 -37.16 -13.48
CA MET A 30 -32.06 -37.32 -13.99
C MET A 30 -31.11 -36.26 -13.41
N LEU A 31 -29.92 -36.69 -13.01
CA LEU A 31 -28.90 -35.78 -12.51
C LEU A 31 -27.54 -36.15 -13.12
N GLU A 32 -26.76 -35.14 -13.47
CA GLU A 32 -25.57 -35.34 -14.28
C GLU A 32 -24.41 -34.54 -13.69
N VAL A 33 -23.18 -35.00 -13.84
CA VAL A 33 -22.06 -34.18 -13.45
C VAL A 33 -22.09 -32.93 -14.32
N GLY A 34 -22.00 -31.76 -13.69
CA GLY A 34 -22.15 -30.51 -14.41
C GLY A 34 -23.42 -29.80 -13.97
N ASP A 35 -24.38 -30.55 -13.47
CA ASP A 35 -25.62 -29.98 -12.94
C ASP A 35 -25.40 -29.22 -11.65
N CYS A 36 -26.30 -28.30 -11.35
CA CYS A 36 -26.23 -27.54 -10.11
C CYS A 36 -27.39 -27.89 -9.20
N VAL A 37 -27.17 -27.74 -7.91
CA VAL A 37 -28.06 -28.29 -6.91
C VAL A 37 -28.17 -27.37 -5.70
N SER A 38 -29.31 -27.42 -5.02
CA SER A 38 -29.49 -26.66 -3.79
C SER A 38 -29.59 -27.61 -2.61
N VAL A 39 -29.10 -27.16 -1.46
CA VAL A 39 -29.21 -27.92 -0.22
C VAL A 39 -29.69 -26.98 0.88
N ILE A 40 -30.69 -27.41 1.64
CA ILE A 40 -31.26 -26.55 2.66
C ILE A 40 -30.39 -26.51 3.92
N PRO A 41 -29.94 -25.30 4.29
CA PRO A 41 -29.12 -25.12 5.50
C PRO A 41 -29.89 -25.54 6.75
N ASP A 42 -29.19 -26.12 7.71
CA ASP A 42 -29.78 -26.43 9.01
C ASP A 42 -30.12 -25.12 9.71
N ASP A 43 -29.23 -24.14 9.54
CA ASP A 43 -29.39 -22.82 10.13
C ASP A 43 -30.33 -21.99 9.26
N SER A 44 -31.58 -21.88 9.68
CA SER A 44 -32.61 -21.19 8.88
C SER A 44 -32.24 -19.77 8.50
N SER A 45 -31.24 -19.20 9.17
CA SER A 45 -30.84 -17.81 8.92
C SER A 45 -29.84 -17.69 7.78
N LYS A 46 -29.19 -18.81 7.44
CA LYS A 46 -28.22 -18.82 6.36
C LYS A 46 -28.90 -18.91 4.99
N PRO A 47 -28.27 -18.31 3.97
CA PRO A 47 -28.73 -18.43 2.59
C PRO A 47 -28.67 -19.88 2.09
N LEU A 48 -29.58 -20.23 1.20
CA LEU A 48 -29.63 -21.56 0.62
C LEU A 48 -28.25 -21.97 0.10
N TYR A 49 -27.84 -23.21 0.39
CA TYR A 49 -26.58 -23.75 -0.11
C TYR A 49 -26.74 -24.10 -1.58
N LEU A 50 -25.73 -23.77 -2.39
CA LEU A 50 -25.80 -24.04 -3.82
C LEU A 50 -24.48 -24.62 -4.32
N ALA A 51 -24.57 -25.63 -5.17
CA ALA A 51 -23.36 -26.31 -5.57
C ALA A 51 -23.42 -26.77 -7.01
N ARG A 52 -22.26 -26.88 -7.64
CA ARG A 52 -22.16 -27.64 -8.87
C ARG A 52 -21.74 -29.07 -8.54
N VAL A 53 -22.43 -30.03 -9.13
CA VAL A 53 -22.09 -31.43 -8.99
C VAL A 53 -20.91 -31.71 -9.90
N THR A 54 -19.73 -31.96 -9.32
CA THR A 54 -18.55 -32.24 -10.13
C THR A 54 -18.25 -33.72 -10.28
N ALA A 55 -18.94 -34.54 -9.49
CA ALA A 55 -18.67 -35.98 -9.48
C ALA A 55 -19.78 -36.75 -8.77
N LEU A 56 -19.95 -38.01 -9.17
CA LEU A 56 -20.91 -38.92 -8.56
C LEU A 56 -20.26 -40.28 -8.31
N TRP A 57 -20.38 -40.81 -7.10
CA TRP A 57 -19.77 -42.11 -6.81
C TRP A 57 -20.42 -42.80 -5.62
N GLU A 58 -20.15 -44.10 -5.49
CA GLU A 58 -20.57 -44.84 -4.32
C GLU A 58 -19.37 -45.22 -3.45
N ASP A 59 -19.51 -45.01 -2.14
CA ASP A 59 -18.51 -45.40 -1.17
C ASP A 59 -18.67 -46.87 -0.78
N LYS A 60 -17.61 -47.45 -0.24
CA LYS A 60 -17.68 -48.84 0.22
C LYS A 60 -18.76 -49.00 1.29
N ASN A 61 -19.08 -47.93 2.00
CA ASN A 61 -20.06 -48.00 3.07
C ASN A 61 -21.50 -47.92 2.58
N GLY A 62 -21.68 -48.05 1.26
CA GLY A 62 -22.99 -48.05 0.67
C GLY A 62 -23.61 -46.68 0.49
N GLN A 63 -22.84 -45.63 0.73
CA GLN A 63 -23.35 -44.28 0.56
C GLN A 63 -23.21 -43.81 -0.88
N MET A 64 -24.29 -43.24 -1.41
CA MET A 64 -24.24 -42.67 -2.75
C MET A 64 -23.96 -41.16 -2.65
N MET A 65 -22.80 -40.76 -3.17
CA MET A 65 -22.21 -39.47 -2.89
C MET A 65 -22.10 -38.59 -4.12
N PHE A 66 -21.99 -37.28 -3.89
CA PHE A 66 -21.52 -36.37 -4.91
C PHE A 66 -20.50 -35.42 -4.32
N HIS A 67 -19.68 -34.82 -5.19
CA HIS A 67 -18.76 -33.79 -4.76
C HIS A 67 -19.40 -32.43 -5.04
N ALA A 68 -19.49 -31.61 -4.00
CA ALA A 68 -20.18 -30.34 -4.08
C ALA A 68 -19.18 -29.19 -4.13
N HIS A 69 -19.02 -28.60 -5.31
CA HIS A 69 -18.25 -27.38 -5.45
C HIS A 69 -19.18 -26.20 -5.19
N TRP A 70 -19.13 -25.67 -3.96
CA TRP A 70 -20.08 -24.68 -3.52
C TRP A 70 -19.94 -23.35 -4.24
N PHE A 71 -21.08 -22.67 -4.40
CA PHE A 71 -21.09 -21.29 -4.84
C PHE A 71 -21.09 -20.39 -3.62
N CYS A 72 -20.69 -19.14 -3.80
CA CYS A 72 -20.79 -18.15 -2.74
C CYS A 72 -21.91 -17.18 -3.11
N ALA A 73 -22.86 -17.00 -2.19
CA ALA A 73 -23.94 -16.04 -2.40
C ALA A 73 -23.39 -14.63 -2.27
N GLY A 74 -24.00 -13.68 -2.97
CA GLY A 74 -23.57 -12.30 -2.94
C GLY A 74 -23.38 -11.78 -1.52
N THR A 75 -24.36 -12.06 -0.65
CA THR A 75 -24.34 -11.56 0.71
C THR A 75 -23.20 -12.13 1.56
N ASP A 76 -22.48 -13.11 1.02
CA ASP A 76 -21.33 -13.64 1.73
C ASP A 76 -20.01 -13.09 1.19
N THR A 77 -20.10 -12.05 0.37
CA THR A 77 -18.92 -11.34 -0.12
C THR A 77 -18.90 -9.94 0.47
N VAL A 78 -17.89 -9.15 0.13
CA VAL A 78 -17.84 -7.76 0.55
C VAL A 78 -19.14 -7.04 0.21
N LEU A 79 -19.68 -7.36 -0.96
CA LEU A 79 -20.91 -6.71 -1.45
C LEU A 79 -22.00 -6.69 -0.38
N GLY A 80 -22.13 -7.80 0.34
CA GLY A 80 -23.20 -7.93 1.33
C GLY A 80 -24.57 -7.74 0.70
N ALA A 81 -25.35 -6.84 1.29
CA ALA A 81 -26.72 -6.62 0.85
C ALA A 81 -26.83 -5.77 -0.41
N THR A 82 -25.71 -5.33 -0.96
CA THR A 82 -25.76 -4.54 -2.18
C THR A 82 -25.83 -5.45 -3.39
N SER A 83 -25.48 -6.72 -3.20
CA SER A 83 -25.33 -7.64 -4.32
C SER A 83 -26.66 -8.06 -4.92
N ASP A 84 -26.62 -8.44 -6.19
CA ASP A 84 -27.79 -8.97 -6.88
C ASP A 84 -28.22 -10.27 -6.21
N PRO A 85 -29.47 -10.33 -5.76
CA PRO A 85 -29.99 -11.52 -5.10
C PRO A 85 -29.74 -12.79 -5.93
N LEU A 86 -29.79 -12.66 -7.25
CA LEU A 86 -29.67 -13.81 -8.14
C LEU A 86 -28.24 -14.12 -8.59
N GLU A 87 -27.28 -13.32 -8.16
CA GLU A 87 -25.89 -13.54 -8.57
C GLU A 87 -25.14 -14.45 -7.61
N LEU A 88 -24.48 -15.46 -8.17
CA LEU A 88 -23.58 -16.31 -7.41
C LEU A 88 -22.14 -16.04 -7.82
N PHE A 89 -21.21 -16.39 -6.95
CA PHE A 89 -19.79 -16.29 -7.24
C PHE A 89 -19.10 -17.62 -6.98
N LEU A 90 -18.10 -17.92 -7.80
CA LEU A 90 -17.30 -19.11 -7.58
C LEU A 90 -16.40 -18.94 -6.35
N VAL A 91 -16.12 -20.04 -5.65
CA VAL A 91 -15.16 -20.03 -4.55
C VAL A 91 -14.47 -21.37 -4.44
N GLY A 92 -13.30 -21.37 -3.80
CA GLY A 92 -12.57 -22.60 -3.57
C GLY A 92 -13.06 -23.32 -2.32
N GLU A 93 -14.33 -23.68 -2.32
CA GLU A 93 -14.90 -24.45 -1.23
C GLU A 93 -15.72 -25.57 -1.82
N CYS A 94 -15.38 -26.80 -1.44
CA CYS A 94 -16.00 -27.98 -2.00
C CYS A 94 -15.91 -29.10 -0.98
N GLU A 95 -16.73 -30.13 -1.14
CA GLU A 95 -16.72 -31.24 -0.20
C GLU A 95 -17.57 -32.39 -0.69
N ASN A 96 -17.43 -33.53 -0.02
CA ASN A 96 -18.23 -34.70 -0.35
C ASN A 96 -19.55 -34.72 0.43
N MET A 97 -20.65 -34.94 -0.28
CA MET A 97 -21.96 -34.99 0.37
C MET A 97 -22.81 -36.16 -0.11
N GLN A 98 -23.76 -36.57 0.73
CA GLN A 98 -24.72 -37.61 0.38
C GLN A 98 -25.76 -37.04 -0.57
N LEU A 99 -25.91 -37.69 -1.72
CA LEU A 99 -26.91 -37.27 -2.68
C LEU A 99 -28.26 -37.00 -2.03
N SER A 100 -28.60 -37.78 -1.01
CA SER A 100 -29.91 -37.70 -0.38
C SER A 100 -30.16 -36.37 0.32
N TYR A 101 -29.13 -35.52 0.39
CA TYR A 101 -29.26 -34.20 1.00
C TYR A 101 -29.77 -33.13 0.02
N ILE A 102 -29.67 -33.44 -1.26
CA ILE A 102 -30.09 -32.51 -2.28
C ILE A 102 -31.54 -32.14 -2.05
N HIS A 103 -31.85 -30.86 -2.21
CA HIS A 103 -33.21 -30.37 -2.04
C HIS A 103 -33.90 -30.23 -3.39
N SER A 104 -33.12 -29.95 -4.42
CA SER A 104 -33.64 -29.67 -5.76
C SER A 104 -32.51 -29.40 -6.73
N LYS A 105 -32.71 -29.72 -8.00
CA LYS A 105 -31.81 -29.24 -9.04
C LYS A 105 -32.12 -27.77 -9.28
N VAL A 106 -31.09 -26.96 -9.50
CA VAL A 106 -31.29 -25.53 -9.80
C VAL A 106 -30.63 -25.18 -11.12
N LYS A 107 -31.11 -24.12 -11.76
CA LYS A 107 -30.50 -23.68 -13.00
C LYS A 107 -29.52 -22.56 -12.69
N VAL A 108 -28.26 -22.77 -13.06
CA VAL A 108 -27.24 -21.75 -12.86
C VAL A 108 -26.59 -21.42 -14.19
N ILE A 109 -26.72 -20.15 -14.59
CA ILE A 109 -26.26 -19.69 -15.88
C ILE A 109 -24.94 -18.97 -15.76
N TYR A 110 -23.99 -19.28 -16.64
CA TYR A 110 -22.76 -18.51 -16.67
C TYR A 110 -22.91 -17.28 -17.55
N LYS A 111 -23.09 -16.12 -16.94
CA LYS A 111 -23.22 -14.88 -17.70
C LYS A 111 -21.86 -14.41 -18.23
N ALA A 112 -21.51 -14.86 -19.42
CA ALA A 112 -20.23 -14.52 -20.03
C ALA A 112 -20.22 -13.08 -20.56
N PRO A 113 -19.03 -12.46 -20.58
CA PRO A 113 -18.91 -11.10 -21.12
C PRO A 113 -19.22 -11.12 -22.61
N SER A 114 -20.09 -10.24 -23.07
CA SER A 114 -20.43 -10.20 -24.48
C SER A 114 -19.20 -9.99 -25.35
N GLU A 115 -19.25 -10.48 -26.58
CA GLU A 115 -18.16 -10.27 -27.53
C GLU A 115 -18.05 -8.78 -27.91
N ASN A 116 -19.12 -8.03 -27.67
CA ASN A 116 -19.12 -6.59 -27.86
C ASN A 116 -19.15 -5.84 -26.53
N TRP A 117 -18.35 -6.32 -25.58
CA TRP A 117 -18.28 -5.73 -24.24
C TRP A 117 -17.86 -4.24 -24.28
N ALA A 118 -16.83 -3.94 -25.06
CA ALA A 118 -16.36 -2.57 -25.21
C ALA A 118 -17.44 -1.57 -25.64
N MET A 119 -18.50 -2.05 -26.30
CA MET A 119 -19.54 -1.14 -26.80
C MET A 119 -20.75 -0.99 -25.87
N GLU A 120 -20.76 -1.77 -24.78
CA GLU A 120 -21.87 -1.70 -23.82
C GLU A 120 -21.67 -0.54 -22.85
N GLY A 121 -22.43 0.54 -23.05
CA GLY A 121 -22.35 1.69 -22.17
C GLY A 121 -23.73 2.16 -21.71
N LYS A 136 -35.58 -14.83 -12.92
CA LYS A 136 -35.78 -15.74 -11.79
C LYS A 136 -34.66 -16.79 -11.69
N THR A 137 -33.71 -16.74 -12.62
CA THR A 137 -32.64 -17.75 -12.70
C THR A 137 -31.29 -17.25 -12.16
N TYR A 138 -30.59 -18.13 -11.42
CA TYR A 138 -29.27 -17.80 -10.89
C TYR A 138 -28.23 -17.64 -12.00
N PHE A 139 -27.28 -16.73 -11.79
CA PHE A 139 -26.17 -16.58 -12.72
C PHE A 139 -24.88 -16.29 -11.98
N PHE A 140 -23.74 -16.49 -12.64
CA PHE A 140 -22.46 -16.12 -12.06
C PHE A 140 -21.52 -15.60 -13.15
N GLN A 141 -20.54 -14.80 -12.76
CA GLN A 141 -19.55 -14.30 -13.70
C GLN A 141 -18.12 -14.30 -13.14
N LEU A 142 -17.99 -14.28 -11.82
CA LEU A 142 -16.67 -14.13 -11.24
C LEU A 142 -16.34 -15.15 -10.17
N TRP A 143 -15.04 -15.36 -9.96
CA TRP A 143 -14.55 -16.16 -8.85
C TRP A 143 -14.18 -15.24 -7.70
N TYR A 144 -14.75 -15.51 -6.52
CA TYR A 144 -14.51 -14.65 -5.36
C TYR A 144 -13.43 -15.23 -4.45
N ASN A 145 -12.42 -14.43 -4.18
CA ASN A 145 -11.40 -14.74 -3.19
C ASN A 145 -11.75 -13.97 -1.92
N GLN A 146 -12.20 -14.69 -0.89
CA GLN A 146 -12.75 -14.03 0.30
C GLN A 146 -11.69 -13.49 1.24
N GLU A 147 -10.45 -13.96 1.10
CA GLU A 147 -9.39 -13.46 1.96
C GLU A 147 -8.87 -12.11 1.50
N TYR A 148 -8.82 -11.90 0.18
CA TYR A 148 -8.31 -10.67 -0.40
C TYR A 148 -9.39 -9.80 -1.02
N ALA A 149 -10.64 -10.27 -0.98
CA ALA A 149 -11.73 -9.58 -1.64
C ALA A 149 -11.40 -9.32 -3.11
N ARG A 150 -11.02 -10.37 -3.82
CA ARG A 150 -10.82 -10.26 -5.25
C ARG A 150 -11.92 -10.97 -6.01
N PHE A 151 -12.54 -10.27 -6.95
CA PHE A 151 -13.42 -10.91 -7.92
C PHE A 151 -12.61 -11.02 -9.21
N GLU A 152 -12.57 -12.21 -9.78
CA GLU A 152 -11.71 -12.44 -10.94
C GLU A 152 -12.40 -13.32 -11.95
N SER A 153 -11.91 -13.31 -13.19
CA SER A 153 -12.49 -14.15 -14.23
C SER A 153 -12.34 -15.61 -13.82
N PRO A 154 -13.30 -16.45 -14.19
CA PRO A 154 -13.20 -17.88 -13.85
C PRO A 154 -12.00 -18.48 -14.55
N PRO A 155 -11.41 -19.56 -13.98
CA PRO A 155 -10.27 -20.24 -14.59
C PRO A 155 -10.64 -20.73 -15.98
N LYS A 156 -9.67 -20.82 -16.87
CA LYS A 156 -9.91 -21.31 -18.22
C LYS A 156 -9.67 -22.82 -18.31
N THR A 157 -9.13 -23.39 -17.24
CA THR A 157 -8.79 -24.81 -17.20
C THR A 157 -9.95 -25.71 -17.60
N GLN A 158 -9.66 -26.68 -18.46
CA GLN A 158 -10.66 -27.63 -18.96
C GLN A 158 -10.42 -29.05 -18.42
N PRO A 159 -11.46 -29.88 -18.42
CA PRO A 159 -11.34 -31.29 -18.04
C PRO A 159 -10.53 -32.09 -19.05
N THR A 160 -9.70 -33.01 -18.57
CA THR A 160 -9.03 -33.98 -19.44
C THR A 160 -9.81 -35.28 -19.41
N GLU A 161 -9.52 -36.18 -20.34
CA GLU A 161 -10.18 -37.48 -20.37
C GLU A 161 -10.00 -38.18 -19.03
N ASP A 162 -8.81 -38.02 -18.44
CA ASP A 162 -8.46 -38.70 -17.19
C ASP A 162 -9.28 -38.25 -15.98
N ASN A 163 -9.60 -36.96 -15.93
CA ASN A 163 -10.30 -36.40 -14.77
C ASN A 163 -11.71 -35.92 -15.07
N LYS A 164 -12.17 -36.14 -16.30
CA LYS A 164 -13.47 -35.64 -16.73
C LYS A 164 -14.60 -36.11 -15.80
N HIS A 165 -14.35 -37.14 -15.02
CA HIS A 165 -15.37 -37.73 -14.15
C HIS A 165 -15.45 -37.05 -12.79
N LYS A 166 -14.40 -36.33 -12.42
CA LYS A 166 -14.34 -35.71 -11.11
C LYS A 166 -13.92 -34.24 -11.12
N PHE A 167 -13.71 -33.68 -12.32
CA PHE A 167 -13.17 -32.34 -12.51
C PHE A 167 -13.77 -31.28 -11.59
N CYS A 168 -12.96 -30.75 -10.68
CA CYS A 168 -13.42 -29.72 -9.73
C CYS A 168 -12.42 -28.56 -9.62
N LEU A 169 -12.81 -27.41 -10.17
CA LEU A 169 -11.99 -26.20 -10.12
C LEU A 169 -11.48 -25.92 -8.70
N SER A 170 -12.37 -26.01 -7.72
CA SER A 170 -11.98 -25.77 -6.33
C SER A 170 -10.81 -26.65 -5.94
N CYS A 171 -10.96 -27.96 -6.14
CA CYS A 171 -9.92 -28.92 -5.79
C CYS A 171 -8.62 -28.61 -6.50
N ILE A 172 -8.71 -28.39 -7.80
CA ILE A 172 -7.53 -28.14 -8.62
C ILE A 172 -6.76 -26.95 -8.09
N ARG A 173 -7.53 -25.93 -7.67
CA ARG A 173 -6.95 -24.70 -7.16
C ARG A 173 -6.19 -24.93 -5.85
N LEU A 174 -6.80 -25.70 -4.95
CA LEU A 174 -6.19 -26.00 -3.66
C LEU A 174 -4.90 -26.78 -3.86
N ALA A 175 -4.92 -27.70 -4.82
CA ALA A 175 -3.73 -28.48 -5.14
C ALA A 175 -2.61 -27.56 -5.62
N GLU A 176 -2.92 -26.73 -6.61
CA GLU A 176 -1.94 -25.80 -7.17
C GLU A 176 -1.33 -24.92 -6.08
N LEU A 177 -2.17 -24.43 -5.17
CA LEU A 177 -1.67 -23.64 -4.05
C LEU A 177 -0.68 -24.46 -3.22
N ARG A 178 -1.12 -25.63 -2.78
CA ARG A 178 -0.27 -26.49 -1.96
C ARG A 178 1.05 -26.75 -2.66
N GLN A 179 0.97 -27.11 -3.94
CA GLN A 179 2.16 -27.41 -4.71
C GLN A 179 3.12 -26.24 -4.77
N LYS A 180 2.57 -25.05 -5.03
CA LYS A 180 3.39 -23.85 -5.10
C LYS A 180 3.97 -23.52 -3.72
N GLU A 181 3.15 -23.65 -2.70
CA GLU A 181 3.48 -23.24 -1.34
C GLU A 181 4.66 -24.01 -0.74
N MET A 182 4.79 -25.28 -1.08
CA MET A 182 5.63 -26.17 -0.32
C MET A 182 7.08 -26.27 -0.81
N PRO A 183 8.01 -26.43 0.15
CA PRO A 183 9.44 -26.65 -0.12
C PRO A 183 9.66 -27.96 -0.85
N LYS A 184 10.50 -27.92 -1.87
CA LYS A 184 10.83 -29.11 -2.64
C LYS A 184 12.29 -29.00 -3.07
N VAL A 185 13.00 -30.11 -3.03
CA VAL A 185 14.40 -30.10 -3.46
C VAL A 185 14.52 -30.53 -4.92
N LEU A 186 15.05 -29.64 -5.75
CA LEU A 186 15.17 -29.90 -7.18
C LEU A 186 16.33 -30.83 -7.54
N GLU A 187 17.42 -30.73 -6.78
CA GLU A 187 18.64 -31.47 -7.09
C GLU A 187 19.42 -31.83 -5.84
N GLN A 188 19.63 -33.13 -5.63
CA GLN A 188 20.45 -33.60 -4.52
C GLN A 188 21.88 -33.85 -5.00
N ILE A 189 22.84 -33.66 -4.09
CA ILE A 189 24.25 -33.89 -4.40
C ILE A 189 24.75 -35.20 -3.78
N GLU A 190 24.94 -35.19 -2.47
CA GLU A 190 25.42 -36.37 -1.76
C GLU A 190 25.02 -36.29 -0.28
N GLU A 191 24.92 -37.44 0.38
CA GLU A 191 24.65 -37.43 1.80
C GLU A 191 25.96 -37.45 2.57
N VAL A 192 26.02 -36.68 3.66
CA VAL A 192 27.22 -36.63 4.48
C VAL A 192 26.84 -36.53 5.95
N ASP A 193 27.01 -37.62 6.68
CA ASP A 193 26.74 -37.60 8.11
C ASP A 193 25.28 -37.23 8.40
N GLY A 194 24.37 -38.06 7.88
CA GLY A 194 22.94 -37.90 8.10
C GLY A 194 22.36 -36.59 7.59
N ARG A 195 22.83 -36.17 6.42
CA ARG A 195 22.37 -34.93 5.79
C ARG A 195 22.56 -35.00 4.29
N VAL A 196 21.51 -34.70 3.54
CA VAL A 196 21.64 -34.64 2.09
C VAL A 196 21.93 -33.20 1.67
N TYR A 197 23.04 -33.01 0.97
CA TYR A 197 23.38 -31.69 0.44
C TYR A 197 22.80 -31.53 -0.95
N CYS A 198 22.21 -30.37 -1.22
CA CYS A 198 21.51 -30.13 -2.47
C CYS A 198 22.10 -28.93 -3.19
N SER A 199 21.87 -28.85 -4.50
CA SER A 199 22.38 -27.75 -5.31
C SER A 199 21.26 -26.81 -5.71
N SER A 200 20.04 -27.18 -5.35
CA SER A 200 18.87 -26.47 -5.86
C SER A 200 17.60 -26.88 -5.12
N ILE A 201 16.80 -25.89 -4.76
CA ILE A 201 15.53 -26.12 -4.07
C ILE A 201 14.49 -25.12 -4.57
N THR A 202 13.29 -25.16 -3.99
CA THR A 202 12.26 -24.24 -4.42
C THR A 202 11.13 -24.12 -3.41
N LYS A 203 10.50 -22.95 -3.42
CA LYS A 203 9.40 -22.64 -2.54
C LYS A 203 8.61 -21.49 -3.14
N ASN A 204 7.28 -21.62 -3.11
CA ASN A 204 6.39 -20.55 -3.53
C ASN A 204 6.74 -19.99 -4.91
N GLY A 205 7.16 -20.87 -5.81
CA GLY A 205 7.42 -20.47 -7.18
C GLY A 205 8.81 -19.95 -7.43
N VAL A 206 9.62 -19.82 -6.38
CA VAL A 206 10.97 -19.32 -6.54
C VAL A 206 12.00 -20.44 -6.44
N VAL A 207 12.92 -20.48 -7.40
CA VAL A 207 14.00 -21.44 -7.40
C VAL A 207 15.28 -20.85 -6.81
N TYR A 208 15.82 -21.50 -5.78
CA TYR A 208 17.04 -21.05 -5.15
C TYR A 208 18.18 -22.05 -5.38
N ARG A 209 19.26 -21.59 -6.00
CA ARG A 209 20.41 -22.43 -6.24
C ARG A 209 21.59 -21.97 -5.36
N LEU A 210 22.63 -22.79 -5.30
CA LEU A 210 23.87 -22.39 -4.66
C LEU A 210 24.41 -21.15 -5.36
N GLY A 211 24.83 -20.17 -4.57
CA GLY A 211 25.37 -18.93 -5.13
C GLY A 211 24.35 -17.83 -5.28
N ASP A 212 23.06 -18.17 -5.17
CA ASP A 212 22.00 -17.15 -5.17
C ASP A 212 22.00 -16.45 -3.82
N SER A 213 21.42 -15.25 -3.78
CA SER A 213 21.27 -14.58 -2.50
C SER A 213 19.83 -14.63 -2.04
N VAL A 214 19.65 -14.51 -0.73
CA VAL A 214 18.36 -14.75 -0.10
C VAL A 214 17.99 -13.64 0.88
N TYR A 215 16.70 -13.33 0.98
CA TYR A 215 16.19 -12.41 1.99
C TYR A 215 15.84 -13.20 3.25
N LEU A 216 16.11 -12.63 4.41
CA LEU A 216 15.77 -13.28 5.66
C LEU A 216 15.29 -12.28 6.69
N PRO A 217 14.47 -12.73 7.63
CA PRO A 217 14.00 -11.84 8.71
C PRO A 217 15.19 -11.31 9.50
N PRO A 218 15.04 -10.13 10.10
CA PRO A 218 16.12 -9.48 10.87
C PRO A 218 16.70 -10.42 11.91
N GLU A 219 15.86 -11.33 12.43
CA GLU A 219 16.27 -12.18 13.53
C GLU A 219 16.73 -13.57 13.08
N ALA A 220 16.91 -13.74 11.77
CA ALA A 220 17.40 -15.01 11.23
C ALA A 220 18.79 -15.28 11.78
N PHE A 221 19.64 -14.25 11.76
CA PHE A 221 20.98 -14.37 12.34
C PHE A 221 21.53 -13.06 12.90
N THR A 222 22.74 -13.14 13.43
CA THR A 222 23.36 -12.05 14.17
C THR A 222 24.67 -11.68 13.50
N PHE A 223 25.11 -10.43 13.66
CA PHE A 223 26.41 -10.03 13.15
C PHE A 223 27.49 -10.20 14.22
N ASN A 224 28.71 -10.52 13.80
CA ASN A 224 29.77 -10.83 14.75
C ASN A 224 30.41 -9.58 15.36
N ILE A 225 30.11 -8.43 14.76
CA ILE A 225 30.61 -7.17 15.25
C ILE A 225 30.09 -6.94 16.65
N LYS A 226 30.90 -6.33 17.51
CA LYS A 226 30.44 -5.92 18.82
C LYS A 226 29.84 -4.52 18.74
N VAL A 227 28.67 -4.36 19.32
CA VAL A 227 27.96 -3.09 19.32
C VAL A 227 27.58 -2.70 20.74
N ALA A 228 28.23 -1.68 21.27
CA ALA A 228 27.91 -1.20 22.61
C ALA A 228 26.53 -0.52 22.61
N SER A 229 25.66 -0.99 23.50
CA SER A 229 24.37 -0.35 23.69
C SER A 229 24.54 1.15 23.82
N PRO A 230 23.83 1.92 22.97
CA PRO A 230 23.90 3.39 22.93
C PRO A 230 23.85 4.03 24.32
N VAL A 231 24.88 4.78 24.67
CA VAL A 231 24.99 5.39 25.99
C VAL A 231 23.78 6.27 26.32
N LYS A 232 23.00 6.57 25.29
CA LYS A 232 21.79 7.38 25.43
C LYS A 232 22.02 8.58 26.34
N ARG A 233 21.02 8.93 27.13
CA ARG A 233 21.13 10.05 28.06
C ARG A 233 20.13 9.92 29.19
N PRO A 234 20.53 10.35 30.40
CA PRO A 234 19.59 10.45 31.53
C PRO A 234 18.47 11.44 31.19
N LYS A 235 17.52 11.61 32.10
CA LYS A 235 16.45 12.58 31.91
C LYS A 235 17.04 13.92 31.47
N LYS A 236 16.41 14.56 30.51
CA LYS A 236 16.89 15.84 29.99
C LYS A 236 17.04 16.88 31.09
N ASP A 237 17.67 18.00 30.77
CA ASP A 237 17.86 19.06 31.75
C ASP A 237 16.52 19.53 32.32
N PRO A 238 16.45 19.74 33.64
CA PRO A 238 15.24 20.26 34.29
C PRO A 238 15.03 21.73 33.94
N VAL A 239 13.79 22.19 34.04
CA VAL A 239 13.47 23.56 33.67
C VAL A 239 12.53 24.22 34.68
N ASN A 240 12.50 25.54 34.64
CA ASN A 240 11.60 26.34 35.46
C ASN A 240 10.18 26.28 34.86
N GLU A 241 9.20 25.82 35.63
CA GLU A 241 7.88 25.54 35.07
C GLU A 241 6.99 26.76 34.98
N THR A 242 7.45 27.90 35.49
CA THR A 242 6.73 29.14 35.24
C THR A 242 7.19 29.66 33.88
N LEU A 243 8.48 29.52 33.62
CA LEU A 243 9.04 29.91 32.33
C LEU A 243 8.53 28.97 31.23
N TYR A 244 8.43 27.68 31.56
CA TYR A 244 7.93 26.68 30.62
C TYR A 244 6.74 25.89 31.20
N PRO A 245 5.58 26.54 31.28
CA PRO A 245 4.40 26.03 31.98
C PRO A 245 3.73 24.80 31.36
N GLU A 246 4.09 24.44 30.14
CA GLU A 246 3.42 23.34 29.46
C GLU A 246 4.37 22.18 29.23
N HIS A 247 5.62 22.36 29.63
CA HIS A 247 6.65 21.34 29.50
C HIS A 247 6.24 20.00 30.14
N TYR A 248 5.39 20.06 31.16
CA TYR A 248 5.00 18.86 31.89
C TYR A 248 4.15 17.95 31.03
N ARG A 249 3.51 18.51 30.01
CA ARG A 249 2.59 17.73 29.19
C ARG A 249 3.34 16.83 28.21
N LYS A 250 4.66 16.89 28.24
CA LYS A 250 5.48 15.94 27.49
C LYS A 250 5.53 14.62 28.27
N TYR A 251 4.80 14.60 29.38
CA TYR A 251 4.48 13.39 30.17
C TYR A 251 5.08 12.11 29.64
N SER A 252 4.37 11.48 28.70
CA SER A 252 4.78 10.20 28.13
C SER A 252 5.17 10.36 26.66
N LEU A 260 12.57 5.75 16.05
CA LEU A 260 13.25 4.45 16.01
C LEU A 260 12.28 3.30 16.29
N ASP A 261 11.14 3.30 15.61
CA ASP A 261 10.13 2.25 15.80
C ASP A 261 9.95 1.37 14.56
N ALA A 262 10.62 1.72 13.46
CA ALA A 262 10.59 0.90 12.26
C ALA A 262 11.46 -0.34 12.46
N PRO A 263 10.99 -1.50 11.99
CA PRO A 263 11.82 -2.71 12.11
C PRO A 263 13.10 -2.56 11.29
N GLU A 264 13.92 -3.61 11.29
CA GLU A 264 15.07 -3.64 10.40
C GLU A 264 14.66 -4.24 9.08
N PRO A 265 15.32 -3.83 7.99
CA PRO A 265 15.12 -4.50 6.71
C PRO A 265 15.70 -5.90 6.76
N TYR A 266 15.46 -6.67 5.71
CA TYR A 266 15.88 -8.07 5.63
C TYR A 266 17.36 -8.25 5.91
N ARG A 267 17.71 -9.40 6.45
CA ARG A 267 19.08 -9.90 6.40
C ARG A 267 19.27 -10.42 4.99
N ILE A 268 20.49 -10.33 4.48
CA ILE A 268 20.78 -10.87 3.15
C ILE A 268 22.01 -11.77 3.20
N GLY A 269 21.95 -12.88 2.48
CA GLY A 269 23.05 -13.83 2.47
C GLY A 269 23.17 -14.56 1.15
N ARG A 270 24.41 -14.84 0.77
CA ARG A 270 24.66 -15.69 -0.38
C ARG A 270 24.64 -17.15 0.07
N ILE A 271 23.97 -18.00 -0.69
CA ILE A 271 23.89 -19.41 -0.35
C ILE A 271 25.21 -20.11 -0.62
N LYS A 272 25.74 -20.77 0.40
CA LYS A 272 26.97 -21.53 0.28
C LYS A 272 26.67 -23.03 0.17
N GLU A 273 25.85 -23.54 1.08
CA GLU A 273 25.43 -24.94 1.07
C GLU A 273 23.93 -25.07 1.33
N ILE A 274 23.36 -26.20 0.91
CA ILE A 274 21.96 -26.53 1.18
C ILE A 274 21.85 -27.99 1.60
N HIS A 275 21.37 -28.24 2.82
CA HIS A 275 21.26 -29.61 3.32
C HIS A 275 20.03 -29.84 4.18
N CYS A 276 19.45 -31.02 4.07
CA CYS A 276 18.24 -31.36 4.82
C CYS A 276 18.34 -32.73 5.48
N GLY A 277 17.42 -33.00 6.41
CA GLY A 277 17.37 -34.27 7.11
C GLY A 277 16.70 -35.35 6.28
N LYS A 278 16.31 -36.44 6.93
CA LYS A 278 15.70 -37.57 6.24
C LYS A 278 14.55 -38.26 7.00
N LYS A 279 13.59 -38.75 6.22
CA LYS A 279 12.44 -39.49 6.73
C LYS A 279 12.24 -40.75 5.87
N LYS A 280 12.19 -41.91 6.51
CA LYS A 280 11.93 -43.15 5.78
C LYS A 280 12.93 -43.34 4.63
N GLY A 281 14.18 -43.00 4.90
CA GLY A 281 15.23 -43.10 3.90
C GLY A 281 15.07 -42.11 2.76
N LYS A 282 14.13 -41.18 2.92
CA LYS A 282 13.87 -40.17 1.91
C LYS A 282 14.12 -38.78 2.47
N VAL A 283 14.30 -37.81 1.58
CA VAL A 283 14.58 -36.43 1.97
C VAL A 283 13.46 -35.84 2.83
N ASN A 284 13.83 -35.23 3.94
CA ASN A 284 12.85 -34.47 4.72
C ASN A 284 12.88 -33.03 4.23
N GLU A 285 11.92 -32.70 3.37
CA GLU A 285 11.86 -31.39 2.76
C GLU A 285 11.40 -30.30 3.74
N ALA A 286 10.74 -30.71 4.81
CA ALA A 286 10.34 -29.77 5.85
C ALA A 286 11.54 -29.42 6.74
N ASP A 287 12.71 -29.95 6.39
CA ASP A 287 13.90 -29.75 7.19
C ASP A 287 15.10 -29.34 6.35
N ILE A 288 14.86 -28.46 5.38
CA ILE A 288 15.95 -27.93 4.56
C ILE A 288 16.61 -26.77 5.29
N LYS A 289 17.94 -26.78 5.33
CA LYS A 289 18.68 -25.70 5.96
C LYS A 289 19.68 -25.12 4.98
N LEU A 290 19.96 -23.83 5.13
CA LEU A 290 20.87 -23.13 4.25
C LEU A 290 22.03 -22.53 5.05
N ARG A 291 23.24 -22.70 4.54
CA ARG A 291 24.39 -22.06 5.16
C ARG A 291 24.82 -20.88 4.28
N LEU A 292 24.93 -19.71 4.88
CA LEU A 292 25.10 -18.48 4.11
C LEU A 292 26.35 -17.69 4.49
N TYR A 293 26.89 -16.98 3.51
CA TYR A 293 27.79 -15.88 3.77
C TYR A 293 26.96 -14.65 4.12
N LYS A 294 27.14 -14.12 5.34
CA LYS A 294 26.43 -12.92 5.76
C LYS A 294 26.85 -11.71 4.94
N PHE A 295 25.88 -10.90 4.52
CA PHE A 295 26.16 -9.59 3.94
C PHE A 295 25.91 -8.50 4.98
N TYR A 296 26.76 -7.49 4.95
CA TYR A 296 26.59 -6.32 5.81
C TYR A 296 25.97 -5.18 5.02
N ARG A 297 24.89 -4.60 5.55
CA ARG A 297 24.48 -3.29 5.08
C ARG A 297 25.43 -2.29 5.72
N PRO A 298 25.62 -1.12 5.09
CA PRO A 298 26.54 -0.16 5.70
C PRO A 298 26.21 0.09 7.17
N GLU A 299 24.93 0.23 7.50
CA GLU A 299 24.52 0.54 8.87
C GLU A 299 24.71 -0.65 9.81
N ASN A 300 25.09 -1.80 9.26
CA ASN A 300 25.37 -2.98 10.06
C ASN A 300 26.82 -3.02 10.53
N THR A 301 27.70 -2.35 9.77
CA THR A 301 29.09 -2.19 10.18
C THR A 301 29.16 -1.25 11.37
N HIS A 302 30.38 -0.92 11.78
CA HIS A 302 30.60 0.03 12.87
C HIS A 302 30.20 1.45 12.42
N ARG A 303 30.16 1.67 11.11
CA ARG A 303 29.72 2.95 10.55
C ARG A 303 28.35 3.32 11.07
N SER A 304 27.55 2.30 11.37
CA SER A 304 26.20 2.51 11.84
C SER A 304 25.46 3.43 10.86
N TYR A 305 24.48 4.18 11.35
CA TYR A 305 23.68 5.04 10.49
C TYR A 305 24.40 6.34 10.12
N ASN A 306 24.92 7.04 11.12
CA ASN A 306 25.63 8.29 10.87
C ASN A 306 26.77 8.11 9.88
N GLY A 307 27.17 6.87 9.66
CA GLY A 307 28.24 6.58 8.73
C GLY A 307 27.74 6.15 7.37
N SER A 308 26.41 6.14 7.18
CA SER A 308 25.82 5.60 5.96
C SER A 308 24.77 6.52 5.33
N TYR A 309 24.70 7.76 5.79
CA TYR A 309 23.72 8.71 5.28
C TYR A 309 23.77 8.83 3.77
N HIS A 310 24.98 8.74 3.21
CA HIS A 310 25.16 9.08 1.81
C HIS A 310 25.22 7.85 0.89
N THR A 311 25.26 6.65 1.46
CA THR A 311 25.43 5.43 0.68
C THR A 311 24.16 5.00 -0.05
N ASP A 312 24.32 4.30 -1.17
CA ASP A 312 23.18 3.78 -1.91
C ASP A 312 22.38 2.80 -1.06
N ILE A 313 21.06 2.88 -1.15
CA ILE A 313 20.21 2.03 -0.32
C ILE A 313 20.39 0.55 -0.65
N ASN A 314 21.03 0.27 -1.77
CA ASN A 314 21.19 -1.11 -2.21
C ASN A 314 22.66 -1.58 -2.22
N MET A 315 23.55 -0.79 -1.62
CA MET A 315 24.94 -1.19 -1.51
C MET A 315 25.11 -2.03 -0.27
N LEU A 316 25.93 -3.08 -0.39
CA LEU A 316 26.20 -3.97 0.72
C LEU A 316 27.71 -4.17 0.89
N TYR A 317 28.08 -4.96 1.89
CA TYR A 317 29.47 -5.33 2.08
C TYR A 317 29.59 -6.84 2.20
N TRP A 318 30.54 -7.41 1.48
CA TRP A 318 30.82 -8.84 1.60
C TRP A 318 31.35 -9.18 2.97
N SER A 319 31.20 -10.44 3.35
CA SER A 319 31.64 -10.91 4.64
C SER A 319 31.83 -12.41 4.51
N ASP A 320 32.81 -12.94 5.24
CA ASP A 320 33.06 -14.38 5.24
C ASP A 320 32.39 -15.03 6.45
N GLU A 321 31.64 -14.24 7.21
CA GLU A 321 30.85 -14.80 8.31
C GLU A 321 29.80 -15.76 7.77
N GLU A 322 29.63 -16.90 8.42
CA GLU A 322 28.67 -17.89 7.95
C GLU A 322 27.51 -18.10 8.92
N ALA A 323 26.32 -18.33 8.39
CA ALA A 323 25.16 -18.56 9.23
C ALA A 323 24.34 -19.73 8.72
N VAL A 324 23.83 -20.53 9.65
CA VAL A 324 22.91 -21.59 9.30
C VAL A 324 21.50 -21.10 9.56
N VAL A 325 20.61 -21.33 8.60
CA VAL A 325 19.25 -20.81 8.66
C VAL A 325 18.25 -21.82 8.09
N ASN A 326 17.03 -21.79 8.60
CA ASN A 326 15.96 -22.64 8.06
C ASN A 326 15.36 -22.08 6.77
N PHE A 327 15.24 -22.94 5.76
CA PHE A 327 14.63 -22.55 4.50
C PHE A 327 13.28 -21.91 4.74
N SER A 328 12.52 -22.47 5.69
CA SER A 328 11.21 -21.95 6.01
C SER A 328 11.22 -20.44 6.24
N ASP A 329 12.35 -19.93 6.72
CA ASP A 329 12.48 -18.52 7.05
C ASP A 329 12.83 -17.63 5.85
N VAL A 330 13.28 -18.24 4.77
CA VAL A 330 13.64 -17.48 3.58
C VAL A 330 12.43 -16.70 3.06
N GLN A 331 12.55 -15.38 3.02
CA GLN A 331 11.43 -14.51 2.66
C GLN A 331 11.39 -14.19 1.18
N GLY A 332 12.49 -14.47 0.47
CA GLY A 332 12.52 -14.26 -0.97
C GLY A 332 13.92 -14.33 -1.54
N ARG A 333 14.02 -14.21 -2.86
CA ARG A 333 15.31 -14.28 -3.53
C ARG A 333 15.74 -12.87 -3.95
N CYS A 334 17.04 -12.59 -3.87
CA CYS A 334 17.55 -11.29 -4.28
C CYS A 334 18.87 -11.42 -5.02
N THR A 335 19.15 -10.46 -5.91
CA THR A 335 20.39 -10.48 -6.66
C THR A 335 21.43 -9.59 -5.99
N VAL A 336 22.61 -10.15 -5.74
CA VAL A 336 23.72 -9.40 -5.17
C VAL A 336 24.96 -9.62 -6.02
N GLU A 337 25.47 -8.55 -6.62
CA GLU A 337 26.56 -8.63 -7.57
C GLU A 337 27.77 -7.82 -7.14
N TYR A 338 28.96 -8.34 -7.40
CA TYR A 338 30.18 -7.58 -7.17
C TYR A 338 30.28 -6.48 -8.23
N GLY A 339 30.46 -5.25 -7.78
CA GLY A 339 30.43 -4.09 -8.67
C GLY A 339 31.26 -4.22 -9.93
N GLU A 340 32.47 -4.75 -9.80
CA GLU A 340 33.42 -4.80 -10.93
C GLU A 340 33.04 -5.81 -12.02
N ASP A 341 32.36 -6.89 -11.66
CA ASP A 341 31.94 -7.89 -12.64
C ASP A 341 30.77 -7.40 -13.48
N LEU A 342 30.22 -6.25 -13.14
CA LEU A 342 29.05 -5.72 -13.83
C LEU A 342 29.36 -5.27 -15.26
N LEU A 343 28.48 -5.66 -16.18
CA LEU A 343 28.62 -5.27 -17.59
C LEU A 343 28.17 -3.83 -17.82
N GLU A 344 27.51 -3.25 -16.81
CA GLU A 344 26.93 -1.93 -16.93
C GLU A 344 27.33 -1.03 -15.77
N SER A 345 26.70 0.13 -15.66
CA SER A 345 26.96 1.05 -14.57
C SER A 345 26.16 0.63 -13.35
N ILE A 346 26.68 0.94 -12.16
CA ILE A 346 25.98 0.63 -10.93
C ILE A 346 24.56 1.14 -11.03
N GLN A 347 24.41 2.37 -11.50
CA GLN A 347 23.08 2.98 -11.66
C GLN A 347 22.17 2.20 -12.61
N ASP A 348 22.70 1.86 -13.78
CA ASP A 348 21.94 1.14 -14.79
C ASP A 348 21.54 -0.24 -14.28
N TYR A 349 22.49 -0.96 -13.69
CA TYR A 349 22.22 -2.24 -13.08
C TYR A 349 21.16 -2.09 -12.00
N SER A 350 21.33 -1.08 -11.15
CA SER A 350 20.47 -0.86 -10.00
C SER A 350 19.01 -0.62 -10.39
N GLN A 351 18.78 0.39 -11.24
CA GLN A 351 17.43 0.73 -11.65
C GLN A 351 16.87 -0.29 -12.63
N GLY A 352 17.72 -1.24 -13.02
CA GLY A 352 17.34 -2.27 -13.99
C GLY A 352 16.28 -3.27 -13.52
N GLY A 353 16.35 -3.68 -12.25
CA GLY A 353 15.36 -4.62 -11.73
C GLY A 353 15.15 -4.55 -10.23
N PRO A 354 14.09 -5.23 -9.76
CA PRO A 354 13.76 -5.30 -8.32
C PRO A 354 14.71 -6.25 -7.59
N ASP A 355 14.91 -6.02 -6.30
CA ASP A 355 15.78 -6.87 -5.50
C ASP A 355 17.24 -6.92 -5.95
N ARG A 356 17.76 -5.80 -6.44
CA ARG A 356 19.15 -5.76 -6.93
C ARG A 356 20.10 -5.04 -5.97
N PHE A 357 21.10 -5.76 -5.46
CA PHE A 357 22.09 -5.15 -4.58
C PHE A 357 23.47 -5.25 -5.18
N TYR A 358 24.45 -4.64 -4.53
CA TYR A 358 25.82 -4.73 -4.99
C TYR A 358 26.80 -4.46 -3.88
N PHE A 359 28.06 -4.83 -4.10
CA PHE A 359 29.13 -4.51 -3.17
C PHE A 359 30.43 -4.24 -3.90
N LEU A 360 31.38 -3.61 -3.21
CA LEU A 360 32.68 -3.30 -3.78
C LEU A 360 33.77 -3.62 -2.78
N GLU A 361 33.38 -3.96 -1.57
CA GLU A 361 34.32 -4.29 -0.53
C GLU A 361 33.80 -5.38 0.39
N ALA A 362 34.71 -6.00 1.13
CA ALA A 362 34.32 -6.90 2.20
C ALA A 362 34.51 -6.15 3.50
N TYR A 363 33.96 -6.68 4.59
CA TYR A 363 34.12 -6.05 5.89
C TYR A 363 34.52 -7.07 6.93
N ASN A 364 35.67 -6.84 7.58
CA ASN A 364 36.17 -7.73 8.60
C ASN A 364 35.62 -7.38 9.98
N SER A 365 34.69 -8.18 10.46
CA SER A 365 34.07 -7.94 11.76
C SER A 365 35.10 -7.81 12.88
N LYS A 366 36.31 -8.28 12.62
CA LYS A 366 37.34 -8.38 13.66
C LYS A 366 38.30 -7.18 13.68
N THR A 367 38.75 -6.78 12.50
CA THR A 367 39.64 -5.62 12.38
C THR A 367 38.86 -4.37 11.98
N LYS A 368 37.55 -4.48 11.97
CA LYS A 368 36.67 -3.38 11.56
C LYS A 368 37.18 -2.71 10.30
N ASN A 369 37.92 -3.45 9.46
CA ASN A 369 38.49 -2.89 8.25
C ASN A 369 37.77 -3.34 6.98
N PHE A 370 37.83 -2.52 5.94
CA PHE A 370 37.20 -2.85 4.67
C PHE A 370 38.24 -3.35 3.64
N GLU A 371 38.38 -4.66 3.53
CA GLU A 371 39.29 -5.24 2.55
C GLU A 371 38.62 -5.33 1.19
N ASP A 372 39.41 -5.64 0.17
CA ASP A 372 38.87 -6.02 -1.12
C ASP A 372 38.14 -7.34 -0.94
N PRO A 373 37.14 -7.60 -1.80
CA PRO A 373 36.38 -8.85 -1.68
C PRO A 373 37.26 -10.05 -2.01
N PRO A 374 37.10 -11.15 -1.26
CA PRO A 374 37.84 -12.38 -1.56
C PRO A 374 37.64 -12.77 -3.01
N ASN A 375 38.46 -13.67 -3.54
CA ASN A 375 38.28 -14.09 -4.91
C ASN A 375 36.98 -14.87 -5.08
N HIS A 376 36.67 -15.69 -4.09
CA HIS A 376 35.46 -16.51 -4.12
C HIS A 376 34.18 -15.69 -4.01
N ALA A 377 34.32 -14.40 -3.75
CA ALA A 377 33.18 -13.51 -3.67
C ALA A 377 32.82 -13.01 -5.06
N ARG A 378 33.75 -13.16 -5.99
CA ARG A 378 33.55 -12.70 -7.35
C ARG A 378 32.63 -13.64 -8.11
N SER A 379 32.38 -13.35 -9.38
CA SER A 379 31.61 -14.25 -10.23
C SER A 379 32.52 -15.39 -10.66
N PRO A 380 32.06 -16.20 -11.63
CA PRO A 380 33.05 -17.04 -12.31
C PRO A 380 33.98 -16.16 -13.16
N GLY A 381 34.96 -15.53 -12.51
CA GLY A 381 35.88 -14.64 -13.19
C GLY A 381 35.17 -13.48 -13.89
N ILE A 408 11.41 -7.64 -24.30
CA ILE A 408 10.10 -7.55 -24.96
C ILE A 408 9.45 -6.19 -24.67
N LYS A 409 9.45 -5.32 -25.67
CA LYS A 409 8.82 -4.01 -25.52
C LYS A 409 7.31 -4.14 -25.39
N LEU A 410 6.74 -3.46 -24.40
CA LEU A 410 5.31 -3.54 -24.14
C LEU A 410 4.61 -2.29 -24.62
N PRO A 411 3.43 -2.47 -25.23
CA PRO A 411 2.66 -1.29 -25.63
C PRO A 411 2.38 -0.47 -24.38
N LYS A 412 2.36 0.86 -24.52
CA LYS A 412 1.98 1.71 -23.41
C LYS A 412 0.47 1.91 -23.45
N LEU A 413 -0.19 1.78 -22.32
CA LEU A 413 -1.62 1.98 -22.24
C LEU A 413 -1.97 3.46 -22.44
N ARG A 414 -2.91 3.73 -23.35
CA ARG A 414 -3.42 5.08 -23.52
C ARG A 414 -4.31 5.36 -22.32
N THR A 415 -4.01 6.44 -21.60
CA THR A 415 -4.64 6.64 -20.30
C THR A 415 -5.39 7.96 -20.18
N LEU A 416 -6.60 7.87 -19.64
CA LEU A 416 -7.35 9.05 -19.25
C LEU A 416 -7.26 9.16 -17.74
N ASP A 417 -6.76 10.31 -17.26
CA ASP A 417 -6.59 10.57 -15.83
C ASP A 417 -7.61 11.61 -15.38
N VAL A 418 -8.67 11.16 -14.73
CA VAL A 418 -9.71 12.06 -14.25
C VAL A 418 -9.34 12.58 -12.86
N PHE A 419 -9.72 13.82 -12.56
CA PHE A 419 -9.26 14.49 -11.35
C PHE A 419 -7.73 14.45 -11.30
N SER A 420 -7.12 14.76 -12.44
CA SER A 420 -5.69 14.60 -12.66
C SER A 420 -4.79 15.30 -11.66
N GLY A 421 -5.25 16.42 -11.08
CA GLY A 421 -4.41 17.20 -10.20
C GLY A 421 -3.17 17.66 -10.95
N CYS A 422 -2.05 17.82 -10.25
CA CYS A 422 -0.82 18.22 -10.93
C CYS A 422 -0.15 17.04 -11.64
N GLY A 423 -0.68 15.84 -11.42
CA GLY A 423 -0.21 14.67 -12.15
C GLY A 423 0.62 13.65 -11.42
N GLY A 424 0.60 13.67 -10.09
CA GLY A 424 1.37 12.72 -9.32
C GLY A 424 1.12 11.28 -9.72
N LEU A 425 -0.14 10.96 -9.97
CA LEU A 425 -0.53 9.61 -10.36
C LEU A 425 -0.03 9.29 -11.77
N SER A 426 -0.18 10.23 -12.69
CA SER A 426 0.27 10.01 -14.07
C SER A 426 1.79 9.91 -14.13
N GLU A 427 2.48 10.61 -13.23
CA GLU A 427 3.93 10.58 -13.22
C GLU A 427 4.48 9.23 -12.77
N GLY A 428 3.90 8.69 -11.69
CA GLY A 428 4.28 7.37 -11.20
C GLY A 428 4.10 6.30 -12.26
N PHE A 429 2.95 6.35 -12.92
CA PHE A 429 2.67 5.42 -14.03
C PHE A 429 3.68 5.57 -15.16
N HIS A 430 3.96 6.81 -15.57
CA HIS A 430 4.92 7.06 -16.64
C HIS A 430 6.24 6.40 -16.29
N GLN A 431 6.70 6.64 -15.06
CA GLN A 431 7.93 6.04 -14.57
C GLN A 431 7.91 4.52 -14.67
N ALA A 432 6.77 3.90 -14.39
CA ALA A 432 6.66 2.43 -14.46
C ALA A 432 6.71 1.95 -15.91
N GLY A 433 6.55 2.88 -16.84
CA GLY A 433 6.64 2.55 -18.25
C GLY A 433 5.42 1.86 -18.83
N ILE A 434 4.30 1.87 -18.11
CA ILE A 434 3.14 1.11 -18.54
C ILE A 434 2.13 1.95 -19.27
N SER A 435 2.24 3.26 -19.16
CA SER A 435 1.18 4.13 -19.67
C SER A 435 1.67 5.38 -20.33
N GLU A 436 0.77 5.99 -21.08
CA GLU A 436 0.96 7.29 -21.64
C GLU A 436 -0.36 8.01 -21.46
N THR A 437 -0.41 8.92 -20.50
CA THR A 437 -1.61 9.68 -20.25
C THR A 437 -1.83 10.66 -21.38
N LEU A 438 -2.88 10.40 -22.17
CA LEU A 438 -3.17 11.24 -23.33
C LEU A 438 -4.23 12.28 -23.00
N TRP A 439 -5.01 12.01 -21.97
CA TRP A 439 -6.10 12.91 -21.61
C TRP A 439 -6.17 13.13 -20.11
N ALA A 440 -6.36 14.38 -19.70
CA ALA A 440 -6.49 14.68 -18.28
C ALA A 440 -7.62 15.68 -18.07
N ILE A 441 -8.33 15.52 -16.96
CA ILE A 441 -9.43 16.40 -16.61
C ILE A 441 -9.24 16.94 -15.18
N GLU A 442 -9.21 18.26 -15.08
CA GLU A 442 -8.94 18.92 -13.81
C GLU A 442 -9.74 20.21 -13.81
N MET A 443 -10.72 20.30 -12.93
CA MET A 443 -11.62 21.44 -12.90
C MET A 443 -10.93 22.73 -12.51
N TRP A 444 -9.88 22.61 -11.70
CA TRP A 444 -9.19 23.75 -11.12
C TRP A 444 -7.99 24.15 -11.98
N ASP A 445 -8.02 25.39 -12.49
CA ASP A 445 -7.07 25.84 -13.50
C ASP A 445 -5.59 25.66 -13.15
N PRO A 446 -5.17 26.12 -11.96
CA PRO A 446 -3.75 25.98 -11.60
C PRO A 446 -3.27 24.53 -11.71
N ALA A 447 -4.00 23.58 -11.14
CA ALA A 447 -3.61 22.17 -11.19
C ALA A 447 -3.53 21.67 -12.62
N ALA A 448 -4.54 22.01 -13.42
CA ALA A 448 -4.55 21.67 -14.84
C ALA A 448 -3.30 22.19 -15.54
N GLN A 449 -2.99 23.47 -15.33
CA GLN A 449 -1.77 24.07 -15.85
C GLN A 449 -0.52 23.31 -15.43
N ALA A 450 -0.44 23.02 -14.13
CA ALA A 450 0.65 22.21 -13.61
C ALA A 450 0.77 20.92 -14.41
N PHE A 451 -0.37 20.33 -14.76
CA PHE A 451 -0.34 19.06 -15.48
C PHE A 451 0.27 19.27 -16.85
N ARG A 452 -0.16 20.31 -17.54
CA ARG A 452 0.38 20.68 -18.84
C ARG A 452 1.89 20.90 -18.79
N LEU A 453 2.37 21.58 -17.75
CA LEU A 453 3.79 21.86 -17.60
C LEU A 453 4.59 20.57 -17.62
N ASN A 454 4.05 19.54 -16.99
CA ASN A 454 4.75 18.28 -16.85
C ASN A 454 4.44 17.31 -17.97
N ASN A 455 3.35 17.57 -18.69
CA ASN A 455 2.90 16.70 -19.75
C ASN A 455 2.58 17.48 -21.04
N PRO A 456 3.63 17.89 -21.77
CA PRO A 456 3.39 18.62 -23.00
C PRO A 456 2.51 17.83 -23.98
N GLY A 457 2.55 16.52 -23.88
CA GLY A 457 1.86 15.67 -24.83
C GLY A 457 0.40 15.36 -24.57
N THR A 458 -0.10 15.61 -23.37
CA THR A 458 -1.48 15.25 -23.08
C THR A 458 -2.46 16.40 -23.24
N THR A 459 -3.62 16.09 -23.78
CA THR A 459 -4.67 17.08 -23.95
C THR A 459 -5.37 17.23 -22.61
N VAL A 460 -5.19 18.38 -21.98
CA VAL A 460 -5.74 18.61 -20.66
C VAL A 460 -6.99 19.46 -20.70
N PHE A 461 -8.11 18.88 -20.27
CA PHE A 461 -9.37 19.60 -20.27
C PHE A 461 -9.58 20.18 -18.89
N THR A 462 -9.43 21.50 -18.78
CA THR A 462 -9.70 22.12 -17.49
C THR A 462 -11.20 22.37 -17.41
N GLU A 463 -11.88 21.45 -16.74
CA GLU A 463 -13.33 21.36 -16.81
C GLU A 463 -13.87 20.39 -15.77
N ASP A 464 -15.14 20.57 -15.40
CA ASP A 464 -15.85 19.65 -14.54
C ASP A 464 -16.11 18.35 -15.32
N CYS A 465 -15.69 17.22 -14.75
CA CYS A 465 -15.81 15.94 -15.44
C CYS A 465 -17.25 15.64 -15.86
N ASN A 466 -18.21 16.13 -15.09
CA ASN A 466 -19.62 15.90 -15.42
C ASN A 466 -20.01 16.56 -16.75
N VAL A 467 -19.56 17.79 -16.98
CA VAL A 467 -19.93 18.46 -18.22
C VAL A 467 -19.14 17.93 -19.41
N LEU A 468 -17.90 17.50 -19.18
CA LEU A 468 -17.12 16.88 -20.26
C LEU A 468 -17.84 15.64 -20.75
N LEU A 469 -18.28 14.81 -19.82
CA LEU A 469 -18.92 13.55 -20.17
C LEU A 469 -20.19 13.84 -20.95
N LYS A 470 -20.95 14.85 -20.53
CA LYS A 470 -22.14 15.24 -21.26
C LYS A 470 -21.79 15.65 -22.69
N LEU A 471 -20.69 16.36 -22.85
CA LEU A 471 -20.23 16.76 -24.18
C LEU A 471 -19.99 15.57 -25.10
N VAL A 472 -19.35 14.52 -24.59
CA VAL A 472 -19.13 13.33 -25.41
C VAL A 472 -20.46 12.64 -25.70
N MET A 473 -21.31 12.52 -24.68
CA MET A 473 -22.68 12.05 -24.86
C MET A 473 -23.43 12.88 -25.91
N ALA A 474 -23.03 14.14 -26.09
CA ALA A 474 -23.71 15.02 -27.02
C ALA A 474 -23.20 14.86 -28.46
N GLY A 475 -22.29 13.92 -28.65
CA GLY A 475 -21.75 13.63 -29.96
C GLY A 475 -20.65 14.59 -30.38
N GLU A 476 -20.34 15.56 -29.52
CA GLU A 476 -19.32 16.55 -29.85
C GLU A 476 -17.96 15.89 -30.04
N VAL A 477 -17.26 16.28 -31.10
CA VAL A 477 -15.91 15.76 -31.35
C VAL A 477 -14.93 16.58 -30.54
N THR A 478 -15.39 17.77 -30.15
CA THR A 478 -14.51 18.79 -29.61
C THR A 478 -15.23 19.59 -28.51
N ASN A 479 -14.47 20.09 -27.54
CA ASN A 479 -15.03 21.06 -26.60
C ASN A 479 -15.02 22.44 -27.26
N SER A 480 -15.44 23.48 -26.56
CA SER A 480 -15.52 24.80 -27.19
C SER A 480 -14.14 25.31 -27.63
N LEU A 481 -13.09 24.65 -27.17
CA LEU A 481 -11.73 25.11 -27.42
C LEU A 481 -11.00 24.35 -28.52
N GLY A 482 -11.72 23.54 -29.29
CA GLY A 482 -11.09 22.78 -30.35
C GLY A 482 -10.40 21.51 -29.85
N GLN A 483 -10.45 21.29 -28.54
CA GLN A 483 -9.81 20.12 -27.92
C GLN A 483 -10.58 18.82 -28.19
N ARG A 484 -9.91 17.83 -28.77
CA ARG A 484 -10.58 16.58 -29.14
C ARG A 484 -10.92 15.67 -27.95
N LEU A 485 -12.21 15.52 -27.68
CA LEU A 485 -12.68 14.58 -26.66
C LEU A 485 -12.27 13.13 -26.94
N PRO A 486 -11.89 12.39 -25.89
CA PRO A 486 -11.60 10.96 -26.00
C PRO A 486 -12.87 10.16 -26.23
N GLN A 487 -12.80 9.12 -27.05
CA GLN A 487 -13.98 8.31 -27.34
C GLN A 487 -13.75 6.83 -27.00
N LYS A 488 -14.82 6.06 -27.05
CA LYS A 488 -14.71 4.62 -26.95
C LYS A 488 -13.52 4.15 -27.78
N GLY A 489 -12.71 3.26 -27.21
CA GLY A 489 -11.55 2.73 -27.91
C GLY A 489 -10.27 3.49 -27.66
N ASP A 490 -10.35 4.81 -27.58
CA ASP A 490 -9.20 5.64 -27.24
C ASP A 490 -8.60 5.23 -25.87
N VAL A 491 -9.47 5.10 -24.88
CA VAL A 491 -9.05 4.92 -23.50
C VAL A 491 -8.83 3.46 -23.13
N GLU A 492 -7.59 3.11 -22.81
CA GLU A 492 -7.23 1.75 -22.43
C GLU A 492 -7.07 1.63 -20.92
N MET A 493 -6.66 2.72 -20.30
CA MET A 493 -6.50 2.78 -18.87
C MET A 493 -7.13 4.06 -18.32
N LEU A 494 -8.00 3.88 -17.32
CA LEU A 494 -8.70 4.97 -16.67
C LEU A 494 -8.26 5.03 -15.23
N CYS A 495 -7.74 6.18 -14.80
CA CYS A 495 -7.34 6.35 -13.40
C CYS A 495 -7.81 7.70 -12.89
N GLY A 496 -7.82 7.86 -11.57
CA GLY A 496 -8.22 9.11 -10.98
C GLY A 496 -8.39 9.03 -9.47
N GLY A 497 -8.38 10.18 -8.81
CA GLY A 497 -8.64 10.25 -7.39
C GLY A 497 -9.79 11.19 -7.13
N PRO A 498 -11.03 10.71 -7.32
CA PRO A 498 -12.23 11.51 -7.14
C PRO A 498 -12.39 11.99 -5.69
N PRO A 499 -12.41 13.32 -5.49
CA PRO A 499 -12.64 13.84 -4.14
C PRO A 499 -13.95 13.28 -3.62
N CYS A 500 -13.90 12.58 -2.49
CA CYS A 500 -15.09 11.99 -1.89
C CYS A 500 -15.44 12.78 -0.65
N GLN A 501 -16.09 13.92 -0.86
CA GLN A 501 -16.18 14.97 0.15
C GLN A 501 -17.15 14.69 1.30
N GLY A 502 -18.42 14.45 0.98
CA GLY A 502 -19.40 14.16 2.01
C GLY A 502 -19.11 12.83 2.70
N PHE A 503 -20.17 12.12 3.07
CA PHE A 503 -20.03 10.72 3.50
C PHE A 503 -19.14 10.47 4.72
N SER A 504 -18.61 11.54 5.31
CA SER A 504 -17.72 11.39 6.47
C SER A 504 -18.43 10.89 7.73
N GLY A 505 -19.69 11.28 7.90
CA GLY A 505 -20.49 10.84 9.04
C GLY A 505 -20.87 9.37 8.93
N MET A 506 -20.01 8.50 9.45
CA MET A 506 -20.12 7.05 9.26
C MET A 506 -21.35 6.42 9.93
N ASN A 507 -22.50 7.07 9.76
CA ASN A 507 -23.79 6.49 10.12
C ASN A 507 -24.36 5.74 8.91
N ARG A 508 -25.36 4.90 9.14
CA ARG A 508 -25.89 4.05 8.08
C ARG A 508 -26.43 4.84 6.87
N PHE A 509 -26.35 4.20 5.70
CA PHE A 509 -26.88 4.73 4.46
C PHE A 509 -28.42 4.81 4.48
N ASN A 510 -28.94 6.02 4.33
CA ASN A 510 -30.39 6.18 4.19
C ASN A 510 -30.78 6.44 2.73
N SER A 511 -32.06 6.72 2.50
CA SER A 511 -32.57 6.89 1.14
C SER A 511 -31.94 8.09 0.43
N ARG A 512 -31.89 9.22 1.11
CA ARG A 512 -31.29 10.43 0.55
C ARG A 512 -29.80 10.23 0.32
N THR A 513 -29.14 9.52 1.25
CA THR A 513 -27.71 9.24 1.13
C THR A 513 -27.41 8.54 -0.19
N TYR A 514 -28.23 7.55 -0.53
CA TYR A 514 -28.07 6.82 -1.77
C TYR A 514 -28.16 7.77 -2.96
N SER A 515 -29.03 8.78 -2.84
CA SER A 515 -29.15 9.79 -3.89
C SER A 515 -27.89 10.65 -3.96
N LYS A 516 -27.41 11.09 -2.80
CA LYS A 516 -26.17 11.88 -2.73
C LYS A 516 -25.03 11.14 -3.44
N PHE A 517 -24.93 9.84 -3.18
CA PHE A 517 -23.89 9.02 -3.78
C PHE A 517 -24.10 8.91 -5.28
N LYS A 518 -25.34 8.71 -5.69
CA LYS A 518 -25.66 8.59 -7.11
C LYS A 518 -25.29 9.86 -7.87
N ASN A 519 -25.08 10.95 -7.14
CA ASN A 519 -24.76 12.23 -7.74
C ASN A 519 -23.34 12.68 -7.38
N SER A 520 -22.55 11.76 -6.86
CA SER A 520 -21.20 12.06 -6.39
C SER A 520 -20.17 11.90 -7.50
N LEU A 521 -18.95 12.36 -7.23
CA LEU A 521 -17.87 12.30 -8.20
C LEU A 521 -17.30 10.89 -8.34
N VAL A 522 -17.39 10.07 -7.31
CA VAL A 522 -16.94 8.70 -7.47
C VAL A 522 -17.87 7.98 -8.44
N VAL A 523 -19.17 8.30 -8.37
CA VAL A 523 -20.10 7.73 -9.33
C VAL A 523 -19.83 8.23 -10.74
N SER A 524 -19.54 9.51 -10.88
CA SER A 524 -19.16 10.07 -12.18
C SER A 524 -17.97 9.30 -12.73
N PHE A 525 -16.98 9.08 -11.88
CA PHE A 525 -15.80 8.34 -12.31
C PHE A 525 -16.23 6.96 -12.81
N LEU A 526 -17.13 6.33 -12.07
CA LEU A 526 -17.65 5.02 -12.49
C LEU A 526 -18.38 5.14 -13.82
N SER A 527 -19.04 6.27 -14.05
CA SER A 527 -19.74 6.48 -15.30
C SER A 527 -18.73 6.45 -16.45
N TYR A 528 -17.57 7.08 -16.23
CA TYR A 528 -16.50 7.06 -17.20
C TYR A 528 -16.07 5.62 -17.51
N CYS A 529 -15.84 4.84 -16.46
CA CYS A 529 -15.45 3.45 -16.62
C CYS A 529 -16.50 2.72 -17.44
N ASP A 530 -17.77 2.95 -17.12
CA ASP A 530 -18.86 2.25 -17.79
C ASP A 530 -18.92 2.59 -19.27
N TYR A 531 -18.80 3.88 -19.60
CA TYR A 531 -18.82 4.28 -20.99
C TYR A 531 -17.59 3.80 -21.77
N TYR A 532 -16.41 4.14 -21.26
CA TYR A 532 -15.16 3.86 -21.98
C TYR A 532 -14.70 2.41 -21.91
N ARG A 533 -15.18 1.67 -20.91
CA ARG A 533 -14.82 0.27 -20.77
C ARG A 533 -13.33 0.03 -20.98
N PRO A 534 -12.48 0.62 -20.11
CA PRO A 534 -11.03 0.51 -20.25
C PRO A 534 -10.50 -0.88 -19.88
N ARG A 535 -9.29 -1.19 -20.30
CA ARG A 535 -8.66 -2.46 -19.96
C ARG A 535 -8.39 -2.51 -18.46
N PHE A 536 -8.01 -1.35 -17.92
CA PHE A 536 -7.65 -1.24 -16.50
C PHE A 536 -8.26 0.00 -15.86
N PHE A 537 -8.59 -0.12 -14.58
CA PHE A 537 -9.25 0.96 -13.86
C PHE A 537 -8.64 1.12 -12.47
N LEU A 538 -8.23 2.33 -12.14
CA LEU A 538 -7.58 2.60 -10.85
C LEU A 538 -8.30 3.76 -10.17
N LEU A 539 -8.87 3.51 -8.99
CA LEU A 539 -9.46 4.59 -8.20
C LEU A 539 -8.66 4.74 -6.91
N GLU A 540 -7.98 5.87 -6.74
CA GLU A 540 -7.22 6.07 -5.52
C GLU A 540 -7.95 7.06 -4.60
N ASN A 541 -7.69 6.98 -3.31
CA ASN A 541 -8.42 7.81 -2.37
C ASN A 541 -7.83 7.80 -0.98
N VAL A 542 -8.41 8.59 -0.08
CA VAL A 542 -8.02 8.57 1.32
C VAL A 542 -8.34 7.21 1.94
N ARG A 543 -7.50 6.77 2.87
CA ARG A 543 -7.70 5.49 3.56
C ARG A 543 -9.17 5.27 3.89
N ASN A 544 -9.82 6.26 4.48
CA ASN A 544 -11.18 6.07 4.97
C ASN A 544 -12.26 5.98 3.91
N PHE A 545 -11.84 6.00 2.65
CA PHE A 545 -12.75 5.65 1.58
C PHE A 545 -13.35 4.27 1.90
N VAL A 546 -12.57 3.40 2.51
CA VAL A 546 -13.04 2.04 2.81
C VAL A 546 -14.03 2.00 3.96
N SER A 547 -14.13 3.07 4.74
CA SER A 547 -15.00 3.02 5.92
C SER A 547 -16.13 4.05 5.94
N TYR A 548 -16.08 5.02 5.04
CA TYR A 548 -17.14 6.03 4.95
C TYR A 548 -18.52 5.40 4.92
N ARG A 549 -19.43 5.91 5.74
CA ARG A 549 -20.81 5.41 5.83
C ARG A 549 -20.90 3.90 6.00
N ARG A 550 -20.20 3.36 7.00
CA ARG A 550 -20.22 1.91 7.25
C ARG A 550 -19.69 1.11 6.06
N SER A 551 -18.71 1.66 5.34
CA SER A 551 -18.12 0.97 4.21
C SER A 551 -19.07 0.84 3.03
N MET A 552 -20.22 1.51 3.10
CA MET A 552 -21.21 1.43 2.02
C MET A 552 -20.73 2.13 0.74
N VAL A 553 -19.86 3.12 0.90
CA VAL A 553 -19.29 3.78 -0.26
C VAL A 553 -18.42 2.77 -0.99
N LEU A 554 -17.53 2.11 -0.26
CA LEU A 554 -16.70 1.05 -0.85
C LEU A 554 -17.53 -0.06 -1.49
N LYS A 555 -18.61 -0.47 -0.84
CA LYS A 555 -19.40 -1.60 -1.31
C LYS A 555 -20.17 -1.29 -2.58
N LEU A 556 -20.70 -0.08 -2.66
CA LEU A 556 -21.46 0.34 -3.83
C LEU A 556 -20.59 0.48 -5.07
N THR A 557 -19.34 0.91 -4.90
CA THR A 557 -18.48 1.06 -6.07
C THR A 557 -17.96 -0.30 -6.56
N LEU A 558 -17.74 -1.23 -5.63
CA LEU A 558 -17.39 -2.59 -6.03
C LEU A 558 -18.60 -3.25 -6.69
N ARG A 559 -19.77 -3.05 -6.10
CA ARG A 559 -21.00 -3.54 -6.68
C ARG A 559 -21.17 -3.04 -8.11
N CYS A 560 -20.86 -1.78 -8.33
CA CYS A 560 -20.97 -1.18 -9.64
C CYS A 560 -19.99 -1.81 -10.62
N LEU A 561 -18.75 -1.97 -10.19
CA LEU A 561 -17.73 -2.59 -11.03
C LEU A 561 -18.10 -4.02 -11.40
N VAL A 562 -18.67 -4.74 -10.45
CA VAL A 562 -19.11 -6.10 -10.71
C VAL A 562 -20.27 -6.09 -11.69
N ARG A 563 -21.23 -5.20 -11.47
CA ARG A 563 -22.37 -5.09 -12.36
C ARG A 563 -21.94 -4.88 -13.82
N MET A 564 -20.83 -4.17 -14.02
CA MET A 564 -20.32 -3.90 -15.35
C MET A 564 -19.62 -5.12 -15.94
N GLY A 565 -19.33 -6.09 -15.08
CA GLY A 565 -18.66 -7.29 -15.51
C GLY A 565 -17.16 -7.21 -15.28
N TYR A 566 -16.73 -6.22 -14.50
CA TYR A 566 -15.32 -6.02 -14.22
C TYR A 566 -14.77 -6.95 -13.15
N GLN A 567 -13.55 -7.43 -13.35
CA GLN A 567 -12.82 -8.00 -12.24
C GLN A 567 -12.41 -6.80 -11.38
N CYS A 568 -12.36 -6.98 -10.07
CA CYS A 568 -12.01 -5.87 -9.20
C CYS A 568 -11.57 -6.34 -7.83
N THR A 569 -10.84 -5.46 -7.13
CA THR A 569 -10.47 -5.68 -5.75
C THR A 569 -10.17 -4.34 -5.09
N PHE A 570 -9.92 -4.35 -3.80
CA PHE A 570 -9.55 -3.13 -3.10
C PHE A 570 -8.46 -3.42 -2.08
N GLY A 571 -7.81 -2.36 -1.61
CA GLY A 571 -6.79 -2.50 -0.60
C GLY A 571 -6.34 -1.15 -0.06
N VAL A 572 -5.60 -1.18 1.04
CA VAL A 572 -5.00 0.01 1.60
C VAL A 572 -3.48 -0.12 1.51
N LEU A 573 -2.82 0.96 1.09
CA LEU A 573 -1.36 0.96 1.02
C LEU A 573 -0.74 2.11 1.82
N GLN A 574 0.50 1.94 2.23
CA GLN A 574 1.21 2.96 2.99
C GLN A 574 2.40 3.46 2.17
N ALA A 575 2.31 4.71 1.74
CA ALA A 575 3.32 5.29 0.85
C ALA A 575 4.73 5.13 1.42
N GLY A 576 4.85 5.27 2.73
CA GLY A 576 6.13 5.10 3.39
C GLY A 576 6.85 3.83 2.99
N GLN A 577 6.06 2.78 2.70
CA GLN A 577 6.62 1.48 2.36
C GLN A 577 7.09 1.38 0.92
N TYR A 578 7.03 2.49 0.18
CA TYR A 578 7.46 2.49 -1.21
C TYR A 578 8.54 3.54 -1.49
N GLY A 579 9.18 4.01 -0.41
CA GLY A 579 10.40 4.78 -0.54
C GLY A 579 10.26 6.27 -0.33
N VAL A 580 9.27 6.66 0.46
CA VAL A 580 9.04 8.06 0.77
C VAL A 580 9.01 8.25 2.29
N ALA A 581 9.49 9.38 2.77
CA ALA A 581 9.59 9.62 4.21
C ALA A 581 8.33 10.28 4.78
N GLN A 582 7.22 9.57 4.72
CA GLN A 582 5.93 10.14 5.09
C GLN A 582 4.94 9.06 5.47
N THR A 583 4.08 9.32 6.45
CA THR A 583 2.98 8.41 6.75
C THR A 583 1.81 8.79 5.88
N ARG A 584 1.41 7.90 4.99
CA ARG A 584 0.29 8.20 4.11
C ARG A 584 -0.40 6.92 3.71
N ARG A 585 -1.47 6.59 4.42
CA ARG A 585 -2.27 5.43 4.06
C ARG A 585 -3.33 5.86 3.06
N ARG A 586 -3.41 5.11 1.96
CA ARG A 586 -4.36 5.41 0.90
C ARG A 586 -5.16 4.18 0.49
N ALA A 587 -6.39 4.41 0.08
CA ALA A 587 -7.23 3.35 -0.45
C ALA A 587 -7.02 3.20 -1.95
N ILE A 588 -7.11 1.98 -2.45
CA ILE A 588 -6.91 1.72 -3.86
C ILE A 588 -7.91 0.68 -4.33
N ILE A 589 -8.74 1.05 -5.30
CA ILE A 589 -9.66 0.10 -5.93
C ILE A 589 -9.14 -0.20 -7.33
N LEU A 590 -8.85 -1.48 -7.58
CA LEU A 590 -8.33 -1.92 -8.88
C LEU A 590 -9.42 -2.63 -9.66
N ALA A 591 -9.43 -2.45 -10.98
CA ALA A 591 -10.33 -3.22 -11.82
C ALA A 591 -9.67 -3.56 -13.16
N ALA A 592 -10.03 -4.73 -13.68
CA ALA A 592 -9.48 -5.21 -14.94
C ALA A 592 -10.61 -5.76 -15.78
N ALA A 593 -10.55 -5.48 -17.07
CA ALA A 593 -11.58 -5.93 -18.01
C ALA A 593 -11.56 -7.45 -18.13
N PRO A 594 -12.71 -8.04 -18.50
CA PRO A 594 -12.89 -9.49 -18.61
C PRO A 594 -11.67 -10.24 -19.16
N GLY A 595 -11.07 -9.75 -20.23
CA GLY A 595 -9.99 -10.50 -20.85
C GLY A 595 -8.64 -10.43 -20.15
N GLU A 596 -8.54 -9.63 -19.09
CA GLU A 596 -7.24 -9.34 -18.49
C GLU A 596 -6.96 -10.14 -17.21
N LYS A 597 -5.75 -9.97 -16.69
CA LYS A 597 -5.42 -10.37 -15.34
C LYS A 597 -5.66 -9.21 -14.39
N LEU A 598 -6.26 -9.50 -13.24
CA LEU A 598 -6.40 -8.50 -12.19
C LEU A 598 -5.06 -8.35 -11.49
N PRO A 599 -4.51 -7.11 -11.48
CA PRO A 599 -3.21 -6.87 -10.86
C PRO A 599 -3.21 -7.20 -9.37
N LEU A 600 -2.02 -7.41 -8.82
CA LEU A 600 -1.84 -7.58 -7.39
C LEU A 600 -1.42 -6.25 -6.78
N PHE A 601 -1.56 -6.10 -5.48
CA PHE A 601 -1.00 -4.92 -4.80
C PHE A 601 0.49 -5.15 -4.61
N PRO A 602 1.30 -4.10 -4.79
CA PRO A 602 2.76 -4.25 -4.79
C PRO A 602 3.30 -4.59 -3.41
N GLU A 603 4.31 -5.44 -3.36
CA GLU A 603 4.96 -5.78 -2.11
C GLU A 603 5.77 -4.59 -1.58
N PRO A 604 5.62 -4.26 -0.29
CA PRO A 604 6.41 -3.21 0.36
C PRO A 604 7.90 -3.28 0.02
N LEU A 605 8.51 -2.13 -0.26
CA LEU A 605 9.94 -2.09 -0.58
C LEU A 605 10.80 -1.63 0.58
N HIS A 606 10.25 -0.73 1.39
CA HIS A 606 10.98 -0.14 2.51
C HIS A 606 10.27 -0.47 3.82
N VAL A 607 11.05 -0.71 4.86
CA VAL A 607 10.49 -0.90 6.19
C VAL A 607 9.92 0.42 6.67
N PHE A 608 8.81 0.36 7.40
CA PHE A 608 8.19 1.56 7.93
C PHE A 608 7.59 1.31 9.31
N ALA A 609 7.42 2.38 10.08
CA ALA A 609 6.84 2.30 11.42
C ALA A 609 5.56 1.47 11.44
N PRO A 610 5.59 0.33 12.13
CA PRO A 610 4.47 -0.60 12.17
C PRO A 610 3.14 0.07 12.49
N ARG A 611 3.13 1.04 13.40
CA ARG A 611 1.88 1.68 13.81
C ARG A 611 1.22 2.39 12.63
N ALA A 612 2.01 2.74 11.62
CA ALA A 612 1.52 3.44 10.44
C ALA A 612 1.22 2.47 9.31
N CYS A 613 1.38 1.18 9.58
CA CYS A 613 1.17 0.16 8.56
C CYS A 613 0.00 -0.75 8.91
N GLN A 614 -1.08 -0.18 9.43
CA GLN A 614 -2.31 -0.92 9.65
C GLN A 614 -3.07 -0.92 8.33
N LEU A 615 -2.81 -1.94 7.51
CA LEU A 615 -3.32 -1.95 6.13
C LEU A 615 -4.63 -2.71 5.95
N SER A 616 -5.11 -3.35 7.01
CA SER A 616 -6.31 -4.18 6.87
C SER A 616 -7.57 -3.37 7.09
N VAL A 617 -8.67 -3.79 6.45
CA VAL A 617 -9.95 -3.12 6.60
C VAL A 617 -11.09 -4.08 6.94
N VAL A 618 -11.94 -3.66 7.88
CA VAL A 618 -13.04 -4.48 8.34
C VAL A 618 -14.35 -4.02 7.72
N VAL A 619 -15.04 -4.94 7.06
CA VAL A 619 -16.35 -4.64 6.47
C VAL A 619 -17.41 -5.55 7.07
N ASP A 620 -18.32 -4.96 7.86
CA ASP A 620 -19.32 -5.75 8.58
C ASP A 620 -18.61 -6.83 9.39
N ASP A 621 -17.61 -6.41 10.17
CA ASP A 621 -16.86 -7.31 11.06
C ASP A 621 -15.91 -8.28 10.36
N LYS A 622 -16.00 -8.37 9.03
CA LYS A 622 -15.06 -9.22 8.30
C LYS A 622 -13.78 -8.45 8.05
N LYS A 623 -12.65 -9.04 8.43
CA LYS A 623 -11.35 -8.40 8.22
C LYS A 623 -10.81 -8.77 6.84
N PHE A 624 -10.58 -7.77 6.01
CA PHE A 624 -9.99 -8.00 4.69
C PHE A 624 -8.55 -7.48 4.61
N VAL A 625 -7.69 -8.25 3.96
CA VAL A 625 -6.32 -7.84 3.74
C VAL A 625 -6.05 -7.96 2.25
N SER A 626 -4.99 -7.31 1.79
CA SER A 626 -4.57 -7.45 0.41
C SER A 626 -3.60 -8.61 0.33
N ASN A 627 -3.13 -8.90 -0.88
CA ASN A 627 -2.21 -9.99 -1.10
C ASN A 627 -0.82 -9.74 -0.51
N ILE A 628 -0.57 -8.52 -0.04
CA ILE A 628 0.75 -8.18 0.48
C ILE A 628 1.24 -9.19 1.51
N THR A 629 2.47 -9.66 1.30
CA THR A 629 3.07 -10.75 2.05
C THR A 629 4.09 -10.22 3.06
N ARG A 630 4.70 -9.09 2.73
CA ARG A 630 5.69 -8.47 3.61
C ARG A 630 5.03 -7.69 4.74
N LEU A 631 4.69 -8.42 5.80
CA LEU A 631 3.90 -7.86 6.89
C LEU A 631 4.75 -7.28 8.01
N SER A 632 6.06 -7.43 7.92
CA SER A 632 6.95 -6.78 8.86
C SER A 632 8.11 -6.13 8.13
N SER A 633 9.15 -6.91 7.85
CA SER A 633 10.35 -6.38 7.25
C SER A 633 10.19 -6.08 5.75
N GLY A 634 11.32 -5.84 5.08
CA GLY A 634 11.35 -5.56 3.65
C GLY A 634 12.79 -5.37 3.20
N PRO A 635 13.01 -5.28 1.89
CA PRO A 635 14.35 -5.14 1.27
C PRO A 635 15.14 -3.90 1.68
N PHE A 636 14.48 -2.76 1.84
CA PHE A 636 15.22 -1.50 2.00
C PHE A 636 14.92 -0.75 3.28
N ARG A 637 15.93 -0.04 3.78
CA ARG A 637 15.79 0.75 4.99
C ARG A 637 14.80 1.91 4.77
N THR A 638 14.20 2.38 5.85
CA THR A 638 13.20 3.44 5.78
C THR A 638 13.84 4.73 5.31
N ILE A 639 13.08 5.55 4.59
CA ILE A 639 13.56 6.84 4.12
C ILE A 639 13.22 7.93 5.12
N THR A 640 14.24 8.60 5.64
CA THR A 640 14.04 9.58 6.71
C THR A 640 13.89 11.00 6.17
N VAL A 641 13.52 11.92 7.05
CA VAL A 641 13.42 13.33 6.70
C VAL A 641 14.76 13.84 6.18
N ARG A 642 15.85 13.31 6.75
CA ARG A 642 17.20 13.69 6.33
C ARG A 642 17.47 13.32 4.89
N ASP A 643 17.27 12.05 4.54
CA ASP A 643 17.42 11.60 3.15
C ASP A 643 16.67 12.53 2.23
N THR A 644 15.56 13.07 2.74
CA THR A 644 14.59 13.80 1.94
C THR A 644 14.99 15.25 1.61
N MET A 645 15.64 15.94 2.53
CA MET A 645 15.84 17.37 2.34
C MET A 645 17.06 17.93 3.08
N SER A 646 18.09 17.12 3.26
CA SER A 646 19.27 17.60 3.96
C SER A 646 20.14 18.48 3.06
N ASP A 647 19.91 18.44 1.75
CA ASP A 647 20.73 19.21 0.82
C ASP A 647 20.17 20.61 0.52
N LEU A 648 18.96 20.89 0.99
CA LEU A 648 18.28 22.10 0.56
C LEU A 648 18.84 23.35 1.24
N PRO A 649 19.19 24.36 0.45
CA PRO A 649 19.73 25.60 1.02
C PRO A 649 18.80 26.19 2.07
N GLU A 650 19.36 26.97 2.97
CA GLU A 650 18.58 27.57 4.04
C GLU A 650 17.71 28.70 3.50
N ILE A 651 16.44 28.71 3.91
CA ILE A 651 15.53 29.81 3.55
C ILE A 651 14.85 30.34 4.82
N GLN A 652 14.20 31.49 4.69
CA GLN A 652 13.58 32.13 5.84
C GLN A 652 12.07 32.05 5.71
N ASN A 653 11.39 32.27 6.83
CA ASN A 653 9.94 32.37 6.83
C ASN A 653 9.51 33.36 5.76
N GLY A 654 8.62 32.91 4.87
CA GLY A 654 8.09 33.78 3.83
C GLY A 654 8.90 33.84 2.56
N ALA A 655 10.02 33.12 2.50
CA ALA A 655 10.84 33.11 1.28
C ALA A 655 9.97 32.85 0.04
N SER A 656 10.19 33.62 -1.01
CA SER A 656 9.33 33.57 -2.17
C SER A 656 10.04 33.44 -3.53
N ASN A 657 11.37 33.32 -3.52
CA ASN A 657 12.10 33.16 -4.78
C ASN A 657 12.02 31.73 -5.34
N SER A 658 11.18 31.54 -6.35
CA SER A 658 10.90 30.20 -6.88
C SER A 658 12.03 29.58 -7.69
N GLU A 659 13.06 30.37 -8.00
CA GLU A 659 14.24 29.82 -8.66
C GLU A 659 15.53 30.28 -7.97
N ILE A 660 16.16 29.33 -7.28
CA ILE A 660 17.42 29.58 -6.59
C ILE A 660 18.32 28.41 -6.89
N PRO A 661 19.64 28.61 -6.80
CA PRO A 661 20.53 27.50 -7.13
C PRO A 661 20.73 26.56 -5.95
N TYR A 662 20.83 25.27 -6.21
CA TYR A 662 21.34 24.36 -5.19
C TYR A 662 22.73 24.89 -4.99
N ASN A 663 23.12 25.11 -3.74
CA ASN A 663 24.51 25.43 -3.52
C ASN A 663 25.21 24.21 -2.92
N GLY A 664 25.09 23.08 -3.61
CA GLY A 664 25.63 21.83 -3.13
C GLY A 664 25.24 20.61 -3.93
N GLU A 665 25.78 19.46 -3.54
CA GLU A 665 25.55 18.21 -4.22
C GLU A 665 24.51 17.42 -3.47
N PRO A 666 23.91 16.43 -4.13
CA PRO A 666 23.06 15.48 -3.40
C PRO A 666 23.86 14.87 -2.26
N LEU A 667 23.22 14.73 -1.11
CA LEU A 667 23.84 14.10 0.04
C LEU A 667 23.28 12.69 0.24
N SER A 668 22.01 12.49 -0.05
CA SER A 668 21.35 11.19 0.15
C SER A 668 21.20 10.40 -1.15
N TRP A 669 21.02 9.09 -1.03
CA TRP A 669 20.64 8.27 -2.18
C TRP A 669 19.35 8.85 -2.76
N PHE A 670 18.42 9.15 -1.86
CA PHE A 670 17.12 9.68 -2.22
C PHE A 670 17.26 11.00 -2.99
N GLN A 671 18.21 11.84 -2.58
CA GLN A 671 18.43 13.10 -3.26
C GLN A 671 19.11 12.90 -4.63
N ARG A 672 19.85 11.81 -4.78
CA ARG A 672 20.47 11.54 -6.08
C ARG A 672 19.41 11.08 -7.07
N GLN A 673 18.46 10.27 -6.59
CA GLN A 673 17.35 9.83 -7.41
C GLN A 673 16.49 11.01 -7.87
N LEU A 674 16.13 11.87 -6.94
CA LEU A 674 15.18 12.94 -7.22
C LEU A 674 15.80 14.13 -7.96
N ARG A 675 17.09 14.37 -7.75
CA ARG A 675 17.77 15.48 -8.40
C ARG A 675 18.34 15.04 -9.75
N GLY A 676 18.54 13.74 -9.87
CA GLY A 676 19.07 13.15 -11.09
C GLY A 676 20.59 13.13 -11.13
N SER A 677 21.12 12.42 -12.13
CA SER A 677 22.55 12.50 -12.46
C SER A 677 22.73 13.64 -13.45
N HIS A 678 21.71 13.85 -14.28
CA HIS A 678 21.68 14.93 -15.27
C HIS A 678 22.08 16.28 -14.68
N TYR A 679 22.64 17.13 -15.52
CA TYR A 679 22.94 18.50 -15.12
C TYR A 679 21.64 19.25 -14.84
N GLN A 680 21.53 19.79 -13.64
CA GLN A 680 20.35 20.54 -13.22
C GLN A 680 20.78 21.46 -12.07
N PRO A 681 20.92 22.75 -12.36
CA PRO A 681 21.42 23.70 -11.36
C PRO A 681 20.31 24.42 -10.61
N ILE A 682 19.08 24.37 -11.10
CA ILE A 682 18.01 25.17 -10.51
C ILE A 682 17.11 24.42 -9.54
N LEU A 683 17.04 24.92 -8.31
CA LEU A 683 16.14 24.41 -7.29
C LEU A 683 14.82 25.18 -7.36
N ARG A 684 13.75 24.49 -7.72
CA ARG A 684 12.45 25.13 -7.91
C ARG A 684 11.53 25.02 -6.70
N ASP A 685 10.79 26.09 -6.43
CA ASP A 685 9.73 26.07 -5.45
C ASP A 685 10.24 25.81 -4.03
N HIS A 686 11.46 26.24 -3.74
CA HIS A 686 11.94 26.20 -2.37
C HIS A 686 11.51 27.47 -1.66
N ILE A 687 10.19 27.59 -1.48
CA ILE A 687 9.59 28.77 -0.90
C ILE A 687 8.66 28.31 0.20
N CYS A 688 8.41 29.17 1.18
CA CYS A 688 7.53 28.79 2.26
C CYS A 688 6.55 29.89 2.60
N LYS A 689 5.46 29.51 3.25
CA LYS A 689 4.42 30.48 3.61
C LYS A 689 4.95 31.53 4.58
N ASP A 690 4.37 32.72 4.49
CA ASP A 690 4.77 33.82 5.36
C ASP A 690 3.81 33.88 6.55
N MET A 691 4.21 33.27 7.65
CA MET A 691 3.37 33.20 8.84
C MET A 691 3.31 34.56 9.52
N SER A 692 2.22 34.83 10.25
CA SER A 692 2.09 36.10 10.95
C SER A 692 3.25 36.31 11.94
N PRO A 693 3.53 37.56 12.32
CA PRO A 693 4.56 37.84 13.31
C PRO A 693 4.40 36.99 14.58
N LEU A 694 3.16 36.81 15.03
CA LEU A 694 2.92 35.98 16.20
C LEU A 694 3.42 34.57 15.95
N VAL A 695 2.96 33.98 14.85
CA VAL A 695 3.33 32.61 14.50
C VAL A 695 4.80 32.50 14.17
N ALA A 696 5.35 33.57 13.59
CA ALA A 696 6.78 33.61 13.31
C ALA A 696 7.55 33.51 14.63
N ALA A 697 7.03 34.19 15.65
CA ALA A 697 7.65 34.21 16.97
C ALA A 697 7.58 32.85 17.65
N ARG A 698 6.40 32.23 17.63
CA ARG A 698 6.23 30.91 18.21
C ARG A 698 7.23 29.94 17.60
N MET A 699 7.43 30.03 16.29
CA MET A 699 8.32 29.11 15.61
C MET A 699 9.77 29.27 16.07
N ARG A 700 10.25 30.51 16.09
CA ARG A 700 11.58 30.80 16.63
C ARG A 700 11.81 30.22 18.03
N HIS A 701 10.74 30.00 18.78
CA HIS A 701 10.88 29.57 20.18
C HIS A 701 10.64 28.08 20.42
N ILE A 702 10.41 27.32 19.35
CA ILE A 702 10.39 25.87 19.48
C ILE A 702 11.83 25.36 19.36
N PRO A 703 12.32 24.71 20.42
CA PRO A 703 13.72 24.26 20.51
C PRO A 703 14.03 23.24 19.42
N LEU A 704 15.31 23.02 19.15
CA LEU A 704 15.71 22.13 18.05
C LEU A 704 15.86 20.67 18.47
N PHE A 705 15.62 20.36 19.74
CA PHE A 705 15.69 18.99 20.20
C PHE A 705 14.63 18.18 19.50
N PRO A 706 14.99 16.98 19.03
CA PRO A 706 14.02 16.11 18.34
C PRO A 706 12.76 15.97 19.17
N GLY A 707 11.59 16.14 18.53
CA GLY A 707 10.32 15.94 19.21
C GLY A 707 9.71 17.21 19.74
N SER A 708 10.44 18.31 19.63
CA SER A 708 9.98 19.58 20.15
C SER A 708 8.68 20.05 19.49
N ASP A 709 7.77 20.54 20.31
CA ASP A 709 6.55 21.14 19.79
C ASP A 709 6.09 22.27 20.72
N TRP A 710 4.79 22.55 20.71
CA TRP A 710 4.25 23.71 21.37
C TRP A 710 4.47 23.67 22.88
N ARG A 711 4.65 22.48 23.43
CA ARG A 711 4.79 22.30 24.87
C ARG A 711 6.17 22.75 25.38
N ASP A 712 7.06 23.08 24.46
CA ASP A 712 8.39 23.59 24.80
C ASP A 712 8.39 25.12 24.84
N LEU A 713 7.31 25.73 24.36
CA LEU A 713 7.22 27.19 24.28
C LEU A 713 7.38 27.85 25.64
N PRO A 714 8.16 28.94 25.70
CA PRO A 714 8.32 29.69 26.95
C PRO A 714 7.16 30.65 27.13
N ASN A 715 6.72 30.86 28.37
CA ASN A 715 5.61 31.76 28.61
C ASN A 715 6.13 33.18 28.80
N ILE A 716 6.50 33.82 27.70
CA ILE A 716 7.13 35.12 27.76
C ILE A 716 6.45 36.17 26.90
N GLN A 717 6.67 37.42 27.25
CA GLN A 717 6.20 38.52 26.41
C GLN A 717 7.24 38.76 25.32
N VAL A 718 6.77 38.96 24.10
CA VAL A 718 7.66 39.27 23.00
C VAL A 718 7.15 40.49 22.24
N ARG A 719 8.05 41.39 21.89
CA ARG A 719 7.72 42.48 20.98
C ARG A 719 7.78 41.90 19.57
N LEU A 720 6.66 41.95 18.86
CA LEU A 720 6.55 41.29 17.56
C LEU A 720 7.07 42.15 16.39
N GLY A 721 7.11 41.54 15.21
CA GLY A 721 7.61 42.22 14.04
C GLY A 721 6.63 43.21 13.43
N ASP A 722 5.63 43.61 14.21
CA ASP A 722 4.64 44.60 13.76
C ASP A 722 4.54 45.79 14.72
N GLY A 723 5.08 45.62 15.92
CA GLY A 723 4.96 46.61 16.97
C GLY A 723 3.95 46.13 18.00
N VAL A 724 3.31 45.01 17.68
CA VAL A 724 2.33 44.39 18.56
C VAL A 724 3.03 43.65 19.72
N ILE A 725 2.28 42.85 20.45
CA ILE A 725 2.86 42.09 21.54
C ILE A 725 2.29 40.68 21.71
N ALA A 726 3.18 39.70 21.74
CA ALA A 726 2.82 38.39 22.22
C ALA A 726 2.86 38.46 23.75
N HIS A 727 1.69 38.33 24.37
CA HIS A 727 1.58 38.43 25.82
C HIS A 727 1.84 37.10 26.52
N LYS A 728 1.93 37.15 27.85
CA LYS A 728 2.03 35.95 28.65
C LYS A 728 0.64 35.34 28.83
N LEU A 729 0.55 34.02 28.68
CA LEU A 729 -0.67 33.31 29.01
C LEU A 729 -0.77 33.24 30.52
N GLN A 730 -1.98 33.45 31.05
CA GLN A 730 -2.19 33.46 32.50
C GLN A 730 -2.98 32.25 32.97
N TYR A 731 -2.57 31.69 34.10
CA TYR A 731 -3.24 30.53 34.66
C TYR A 731 -3.95 30.94 35.94
N THR A 732 -5.27 30.86 35.91
CA THR A 732 -6.09 31.32 37.02
C THR A 732 -7.11 30.28 37.42
N PHE A 733 -6.92 29.06 36.96
CA PHE A 733 -7.81 27.97 37.30
C PHE A 733 -6.97 26.76 37.67
N HIS A 734 -7.49 25.93 38.57
CA HIS A 734 -6.83 24.67 38.90
C HIS A 734 -7.16 23.70 37.80
N ASP A 735 -6.15 22.98 37.32
CA ASP A 735 -6.45 21.79 36.55
C ASP A 735 -6.54 20.67 37.56
N VAL A 736 -7.77 20.26 37.86
CA VAL A 736 -8.00 19.24 38.87
C VAL A 736 -7.27 17.94 38.54
N LYS A 737 -7.08 17.70 37.24
CA LYS A 737 -6.43 16.49 36.79
C LYS A 737 -4.91 16.58 36.83
N ASN A 738 -4.38 17.76 36.54
CA ASN A 738 -2.93 17.91 36.40
C ASN A 738 -2.22 18.50 37.62
N GLY A 739 -2.98 19.14 38.51
CA GLY A 739 -2.43 19.66 39.75
C GLY A 739 -1.60 20.93 39.60
N TYR A 740 -0.84 21.26 40.64
CA TYR A 740 0.05 22.41 40.61
C TYR A 740 1.39 21.99 40.00
N SER A 741 2.18 22.97 39.58
CA SER A 741 3.49 22.70 39.04
C SER A 741 4.54 22.80 40.13
N SER A 742 5.80 22.57 39.75
CA SER A 742 6.91 22.63 40.70
C SER A 742 7.17 24.04 41.20
N THR A 743 6.68 25.05 40.45
CA THR A 743 6.82 26.44 40.87
C THR A 743 5.59 26.91 41.64
N GLY A 744 4.74 25.96 42.03
CA GLY A 744 3.54 26.30 42.78
C GLY A 744 2.48 27.00 41.94
N ALA A 745 2.61 26.89 40.62
CA ALA A 745 1.67 27.54 39.70
C ALA A 745 0.41 26.71 39.45
N LEU A 746 -0.67 27.39 39.08
CA LEU A 746 -1.89 26.73 38.63
C LEU A 746 -1.70 26.32 37.18
N ARG A 747 -2.52 25.41 36.68
CA ARG A 747 -2.32 24.87 35.33
C ARG A 747 -3.54 24.97 34.42
N GLY A 748 -4.63 25.54 34.93
CA GLY A 748 -5.84 25.71 34.14
C GLY A 748 -5.99 27.09 33.53
N VAL A 749 -6.52 27.15 32.30
CA VAL A 749 -6.74 28.43 31.63
C VAL A 749 -8.24 28.69 31.41
N CYS A 750 -9.07 27.82 31.98
CA CYS A 750 -10.53 27.96 31.90
C CYS A 750 -11.18 27.24 33.07
N SER A 751 -12.43 27.61 33.38
CA SER A 751 -13.17 26.98 34.46
C SER A 751 -13.43 25.48 34.22
N CYS A 752 -13.40 25.06 32.97
CA CYS A 752 -13.66 23.66 32.66
C CYS A 752 -12.52 22.77 33.15
N ALA A 753 -11.38 23.39 33.46
CA ALA A 753 -10.25 22.67 34.01
C ALA A 753 -10.53 22.25 35.45
N GLU A 754 -11.60 22.81 36.00
CA GLU A 754 -12.02 22.49 37.36
C GLU A 754 -13.30 21.67 37.37
N GLY A 755 -13.68 21.16 36.20
CA GLY A 755 -14.88 20.35 36.08
C GLY A 755 -16.12 21.13 35.69
N LYS A 756 -16.08 22.45 35.88
CA LYS A 756 -17.25 23.29 35.61
C LYS A 756 -17.43 23.54 34.12
N ALA A 757 -18.51 24.25 33.78
CA ALA A 757 -18.74 24.69 32.41
C ALA A 757 -17.75 25.81 32.06
N CYS A 758 -17.57 26.06 30.78
CA CYS A 758 -16.61 27.06 30.31
C CYS A 758 -17.04 28.50 30.64
N ASP A 759 -16.10 29.26 31.19
CA ASP A 759 -16.27 30.70 31.35
C ASP A 759 -16.16 31.31 29.96
N PRO A 760 -17.18 32.06 29.54
CA PRO A 760 -17.18 32.75 28.23
C PRO A 760 -15.99 33.70 28.07
N GLU A 761 -15.58 34.35 29.16
CA GLU A 761 -14.48 35.32 29.13
C GLU A 761 -13.13 34.63 28.97
N SER A 762 -13.10 33.32 29.18
CA SER A 762 -11.84 32.57 29.31
C SER A 762 -10.79 32.86 28.25
N ARG A 763 -11.18 32.76 26.99
CA ARG A 763 -10.25 32.89 25.87
C ARG A 763 -9.26 34.05 26.07
N GLN A 764 -7.98 33.77 25.84
CA GLN A 764 -6.94 34.80 25.87
C GLN A 764 -6.36 34.94 24.48
N PHE A 765 -6.07 36.18 24.06
CA PHE A 765 -5.62 36.42 22.69
C PHE A 765 -4.16 36.84 22.57
N SER A 766 -3.62 36.76 21.36
CA SER A 766 -2.24 37.18 21.07
C SER A 766 -1.26 36.78 22.16
N THR A 767 -1.19 35.48 22.43
CA THR A 767 -0.30 34.96 23.45
C THR A 767 0.63 33.91 22.83
N LEU A 768 1.91 33.95 23.19
CA LEU A 768 2.90 33.06 22.58
C LEU A 768 2.49 31.59 22.66
N ILE A 769 2.08 31.16 23.85
CA ILE A 769 1.47 29.84 24.01
C ILE A 769 -0.01 29.90 23.63
N PRO A 770 -0.40 29.24 22.53
CA PRO A 770 -1.80 29.32 22.10
C PRO A 770 -2.74 28.91 23.23
N TRP A 771 -3.68 29.78 23.58
CA TRP A 771 -4.59 29.52 24.68
C TRP A 771 -5.37 28.22 24.54
N CYS A 772 -5.87 27.95 23.33
CA CYS A 772 -6.76 26.83 23.12
C CYS A 772 -6.09 25.47 23.32
N LEU A 773 -4.76 25.45 23.37
CA LEU A 773 -4.05 24.19 23.49
C LEU A 773 -4.02 23.63 24.91
N PRO A 774 -3.66 24.46 25.91
CA PRO A 774 -3.91 23.95 27.26
C PRO A 774 -5.41 23.82 27.53
N HIS A 775 -6.19 24.72 26.95
CA HIS A 775 -7.63 24.68 27.12
C HIS A 775 -8.21 23.26 26.94
N THR A 776 -7.89 22.62 25.82
CA THR A 776 -8.42 21.29 25.52
C THR A 776 -7.36 20.19 25.44
N GLY A 777 -6.16 20.46 25.93
CA GLY A 777 -5.05 19.53 25.85
C GLY A 777 -5.36 18.14 26.41
N ASN A 778 -6.00 18.10 27.56
CA ASN A 778 -6.30 16.83 28.22
C ASN A 778 -7.15 15.89 27.38
N ARG A 779 -8.11 16.43 26.65
CA ARG A 779 -9.03 15.60 25.87
C ARG A 779 -8.46 15.22 24.52
N HIS A 780 -7.22 15.65 24.24
CA HIS A 780 -6.63 15.41 22.92
C HIS A 780 -5.15 15.07 23.01
N ASN A 781 -4.80 14.22 23.96
CA ASN A 781 -3.41 13.82 24.16
C ASN A 781 -2.46 15.02 24.03
N HIS A 782 -2.82 16.10 24.72
CA HIS A 782 -1.95 17.27 24.86
C HIS A 782 -1.53 17.86 23.52
N TRP A 783 -2.32 17.58 22.49
CA TRP A 783 -2.05 18.15 21.17
C TRP A 783 -0.61 17.91 20.72
N ALA A 784 -0.11 16.70 20.95
CA ALA A 784 1.25 16.37 20.54
C ALA A 784 1.47 16.61 19.05
N GLY A 785 2.58 17.26 18.72
CA GLY A 785 2.93 17.51 17.33
C GLY A 785 2.63 18.92 16.87
N LEU A 786 1.60 19.54 17.43
CA LEU A 786 1.25 20.91 17.02
C LEU A 786 2.42 21.86 17.27
N TYR A 787 2.70 22.70 16.28
CA TYR A 787 3.90 23.53 16.26
C TYR A 787 5.16 22.68 16.44
N GLY A 788 5.14 21.47 15.89
CA GLY A 788 6.25 20.56 16.05
C GLY A 788 7.25 20.57 14.91
N ARG A 789 8.51 20.39 15.27
CA ARG A 789 9.57 20.25 14.28
C ARG A 789 9.67 18.81 13.81
N LEU A 790 9.84 18.63 12.51
CA LEU A 790 10.14 17.32 11.98
C LEU A 790 11.46 16.86 12.58
N GLU A 791 11.65 15.56 12.68
CA GLU A 791 12.93 15.03 13.14
C GLU A 791 13.71 14.57 11.91
N TRP A 792 15.01 14.82 11.91
CA TRP A 792 15.84 14.34 10.80
C TRP A 792 15.73 12.82 10.65
N ASP A 793 15.59 12.12 11.78
CA ASP A 793 15.52 10.67 11.78
C ASP A 793 14.11 10.15 11.57
N GLY A 794 13.12 11.05 11.64
CA GLY A 794 11.73 10.64 11.53
C GLY A 794 11.20 10.77 10.12
N PHE A 795 9.90 11.04 10.02
CA PHE A 795 9.23 11.12 8.74
C PHE A 795 8.12 12.17 8.78
N PHE A 796 7.70 12.62 7.62
CA PHE A 796 6.61 13.58 7.54
C PHE A 796 5.33 12.95 8.02
N SER A 797 4.51 13.71 8.76
CA SER A 797 3.12 13.33 8.92
C SER A 797 2.47 13.48 7.54
N THR A 798 1.28 12.93 7.38
CA THR A 798 0.61 12.97 6.08
C THR A 798 0.73 14.36 5.47
N THR A 799 1.23 14.42 4.23
CA THR A 799 1.43 15.70 3.56
C THR A 799 0.09 16.31 3.13
N VAL A 800 -0.19 17.49 3.66
CA VAL A 800 -1.51 18.09 3.50
C VAL A 800 -1.52 19.22 2.50
N THR A 801 -2.72 19.60 2.07
CA THR A 801 -2.89 20.67 1.11
C THR A 801 -2.44 22.03 1.65
N ASN A 802 -2.52 22.21 2.97
CA ASN A 802 -2.11 23.48 3.58
C ASN A 802 -1.49 23.31 4.97
N PRO A 803 -0.17 23.16 5.02
CA PRO A 803 0.52 22.82 6.26
C PRO A 803 0.40 23.93 7.31
N GLU A 804 -0.25 23.63 8.42
CA GLU A 804 -0.47 24.61 9.49
C GLU A 804 0.06 24.08 10.81
N PRO A 805 0.93 24.84 11.46
CA PRO A 805 1.43 24.40 12.77
C PRO A 805 0.28 23.98 13.70
N MET A 806 -0.87 24.61 13.57
CA MET A 806 -1.99 24.30 14.47
C MET A 806 -3.08 23.46 13.83
N GLY A 807 -2.83 22.97 12.63
CA GLY A 807 -3.76 22.07 11.98
C GLY A 807 -3.77 20.72 12.67
N LYS A 808 -4.64 19.81 12.21
CA LYS A 808 -4.75 18.50 12.85
C LYS A 808 -3.37 17.93 13.16
N GLN A 809 -2.60 17.65 12.12
CA GLN A 809 -1.22 17.26 12.28
C GLN A 809 -0.35 18.47 12.01
N GLY A 810 0.17 19.09 13.06
CA GLY A 810 0.89 20.33 12.93
C GLY A 810 2.41 20.23 12.98
N ARG A 811 2.95 19.02 12.96
CA ARG A 811 4.41 18.87 12.91
C ARG A 811 4.92 19.26 11.52
N VAL A 812 4.88 20.56 11.24
CA VAL A 812 5.23 21.09 9.92
C VAL A 812 6.40 22.07 9.94
N LEU A 813 7.04 22.26 11.09
CA LEU A 813 8.19 23.13 11.15
C LEU A 813 9.43 22.40 10.65
N HIS A 814 10.29 23.11 9.93
CA HIS A 814 11.58 22.57 9.53
C HIS A 814 12.29 22.09 10.80
N PRO A 815 13.15 21.07 10.68
CA PRO A 815 13.83 20.54 11.88
C PRO A 815 14.76 21.54 12.56
N GLU A 816 15.25 22.53 11.82
CA GLU A 816 16.20 23.49 12.37
C GLU A 816 15.83 24.95 12.12
N GLN A 817 15.33 25.25 10.93
CA GLN A 817 15.03 26.63 10.56
C GLN A 817 13.65 27.05 11.07
N HIS A 818 13.44 28.35 11.22
CA HIS A 818 12.26 28.86 11.92
C HIS A 818 11.11 29.19 11.00
N ARG A 819 10.53 28.15 10.42
CA ARG A 819 9.55 28.30 9.36
C ARG A 819 8.84 26.98 9.15
N VAL A 820 7.69 27.02 8.50
CA VAL A 820 7.08 25.78 8.07
C VAL A 820 7.84 25.27 6.83
N VAL A 821 7.67 24.01 6.49
CA VAL A 821 8.35 23.39 5.35
C VAL A 821 7.99 24.05 4.01
N SER A 822 8.89 23.92 3.05
CA SER A 822 8.69 24.58 1.75
C SER A 822 7.87 23.73 0.80
N VAL A 823 7.34 24.36 -0.23
CA VAL A 823 6.64 23.64 -1.28
C VAL A 823 7.51 22.51 -1.83
N ARG A 824 8.78 22.79 -2.07
CA ARG A 824 9.68 21.78 -2.60
C ARG A 824 9.90 20.64 -1.62
N GLU A 825 10.11 20.99 -0.35
CA GLU A 825 10.27 20.02 0.71
C GLU A 825 9.05 19.09 0.78
N CYS A 826 7.86 19.68 0.73
CA CYS A 826 6.64 18.90 0.68
C CYS A 826 6.60 17.97 -0.53
N ALA A 827 7.12 18.45 -1.65
CA ALA A 827 7.15 17.67 -2.88
C ALA A 827 8.12 16.51 -2.74
N ARG A 828 9.18 16.74 -1.97
CA ARG A 828 10.16 15.70 -1.66
C ARG A 828 9.57 14.66 -0.69
N SER A 829 8.68 15.09 0.18
CA SER A 829 8.01 14.19 1.12
C SER A 829 7.06 13.27 0.36
N GLN A 830 6.44 13.81 -0.68
CA GLN A 830 5.81 12.98 -1.70
C GLN A 830 7.01 12.51 -2.50
N GLY A 831 6.82 11.86 -3.63
CA GLY A 831 8.00 11.34 -4.30
C GLY A 831 8.45 12.10 -5.52
N PHE A 832 8.15 13.39 -5.56
CA PHE A 832 8.34 14.18 -6.76
C PHE A 832 9.81 14.42 -7.12
N PRO A 833 10.18 14.15 -8.37
CA PRO A 833 11.51 14.52 -8.84
C PRO A 833 11.67 16.03 -8.73
N ASP A 834 12.90 16.51 -8.66
CA ASP A 834 13.13 17.94 -8.56
C ASP A 834 12.74 18.73 -9.80
N SER A 835 12.72 18.07 -10.95
CA SER A 835 12.32 18.73 -12.20
C SER A 835 10.80 18.88 -12.32
N TYR A 836 10.06 18.26 -11.41
CA TYR A 836 8.60 18.26 -11.49
C TYR A 836 8.04 19.65 -11.19
N ARG A 837 7.19 20.15 -12.08
CA ARG A 837 6.70 21.52 -12.01
C ARG A 837 5.33 21.63 -11.35
N PHE A 838 5.12 22.74 -10.65
CA PHE A 838 3.82 23.06 -10.07
C PHE A 838 3.46 24.46 -10.52
N PHE A 839 2.27 24.95 -10.17
CA PHE A 839 1.76 26.16 -10.80
C PHE A 839 0.76 26.93 -9.94
N GLY A 840 0.89 28.26 -9.95
CA GLY A 840 -0.02 29.11 -9.20
C GLY A 840 0.67 29.74 -7.99
N ASN A 841 -0.10 30.37 -7.12
CA ASN A 841 0.50 30.93 -5.92
C ASN A 841 0.93 29.84 -4.96
N ILE A 842 1.64 30.22 -3.90
CA ILE A 842 2.22 29.26 -2.98
C ILE A 842 1.18 28.28 -2.43
N LEU A 843 -0.01 28.78 -2.15
CA LEU A 843 -1.04 27.90 -1.60
C LEU A 843 -1.53 26.94 -2.67
N ASP A 844 -1.61 27.40 -3.91
CA ASP A 844 -1.97 26.54 -5.03
C ASP A 844 -1.00 25.35 -5.14
N ARG A 845 0.29 25.63 -4.94
CA ARG A 845 1.31 24.61 -5.12
C ARG A 845 1.25 23.60 -3.98
N HIS A 846 1.12 24.10 -2.75
CA HIS A 846 0.92 23.24 -1.60
C HIS A 846 -0.29 22.33 -1.83
N ARG A 847 -1.38 22.92 -2.31
CA ARG A 847 -2.59 22.15 -2.60
C ARG A 847 -2.26 21.05 -3.60
N GLN A 848 -1.60 21.41 -4.70
CA GLN A 848 -1.21 20.41 -5.71
C GLN A 848 -0.34 19.29 -5.15
N VAL A 849 0.62 19.64 -4.30
CA VAL A 849 1.53 18.66 -3.70
C VAL A 849 0.84 17.76 -2.66
N GLY A 850 0.06 18.38 -1.78
CA GLY A 850 -0.65 17.63 -0.76
C GLY A 850 -1.72 16.72 -1.34
N ASN A 851 -2.28 17.10 -2.48
CA ASN A 851 -3.30 16.31 -3.15
C ASN A 851 -2.75 15.12 -3.93
N ALA A 852 -1.50 15.19 -4.36
CA ALA A 852 -0.99 14.20 -5.30
C ALA A 852 -0.82 12.83 -4.68
N VAL A 853 -0.80 11.82 -5.56
CA VAL A 853 -0.36 10.49 -5.19
C VAL A 853 1.14 10.48 -5.35
N PRO A 854 1.87 10.08 -4.30
CA PRO A 854 3.33 10.09 -4.44
C PRO A 854 3.73 9.19 -5.61
N PRO A 855 4.46 9.75 -6.58
CA PRO A 855 4.89 8.97 -7.74
C PRO A 855 5.53 7.61 -7.40
N PRO A 856 6.29 7.52 -6.29
CA PRO A 856 6.85 6.19 -6.00
C PRO A 856 5.76 5.19 -5.62
N LEU A 857 4.66 5.65 -5.05
CA LEU A 857 3.56 4.75 -4.76
C LEU A 857 2.90 4.36 -6.06
N ALA A 858 2.61 5.37 -6.88
CA ALA A 858 2.02 5.16 -8.20
C ALA A 858 2.88 4.24 -9.06
N LYS A 859 4.19 4.48 -9.07
CA LYS A 859 5.11 3.61 -9.81
C LYS A 859 4.99 2.15 -9.37
N ALA A 860 5.01 1.92 -8.06
CA ALA A 860 4.86 0.56 -7.54
C ALA A 860 3.61 -0.12 -8.08
N ILE A 861 2.47 0.60 -8.01
CA ILE A 861 1.22 0.08 -8.55
C ILE A 861 1.34 -0.15 -10.05
N GLY A 862 2.01 0.78 -10.73
CA GLY A 862 2.24 0.68 -12.16
C GLY A 862 2.94 -0.59 -12.58
N LEU A 863 3.96 -1.00 -11.83
CA LEU A 863 4.71 -2.21 -12.16
C LEU A 863 3.86 -3.49 -12.03
N GLU A 864 2.94 -3.49 -11.07
CA GLU A 864 2.04 -4.62 -10.90
C GLU A 864 1.12 -4.77 -12.10
N ILE A 865 0.57 -3.66 -12.56
CA ILE A 865 -0.24 -3.65 -13.77
C ILE A 865 0.62 -4.12 -14.94
N LYS A 866 1.89 -3.72 -14.92
CA LYS A 866 2.83 -4.12 -15.96
C LYS A 866 2.95 -5.64 -16.05
N LEU A 867 2.92 -6.30 -14.89
CA LEU A 867 2.92 -7.76 -14.87
C LEU A 867 1.74 -8.32 -15.66
N CYS A 868 0.62 -7.61 -15.64
CA CYS A 868 -0.58 -8.04 -16.32
C CYS A 868 -0.53 -7.79 -17.83
N LEU A 869 0.59 -7.23 -18.29
CA LEU A 869 0.72 -6.93 -19.71
C LEU A 869 1.58 -7.95 -20.46
N LEU A 870 2.21 -8.85 -19.72
CA LEU A 870 2.93 -9.95 -20.37
C LEU A 870 1.96 -10.97 -20.96
N SER A 871 2.37 -11.61 -22.06
CA SER A 871 1.55 -12.63 -22.72
C SER A 871 0.29 -12.02 -23.35
N SAH B . -4.41 12.00 -8.42
CA SAH B . -3.91 13.35 -8.70
CB SAH B . -4.65 14.45 -7.92
CG SAH B . -6.00 14.12 -7.31
SD SAH B . -6.65 15.49 -6.32
C SAH B . -2.41 13.45 -8.43
O SAH B . -1.73 12.44 -8.18
OXT SAH B . -1.83 14.54 -8.50
C5' SAH B . -8.29 15.50 -7.05
C4' SAH B . -8.41 16.64 -8.05
O4' SAH B . -9.69 16.62 -8.64
C3' SAH B . -8.26 18.01 -7.39
O3' SAH B . -7.13 18.64 -7.95
C2' SAH B . -9.52 18.77 -7.78
O2' SAH B . -9.27 20.09 -8.20
C1' SAH B . -10.07 17.95 -8.92
N9 SAH B . -11.53 18.03 -9.04
C8 SAH B . -12.44 18.26 -8.04
N7 SAH B . -13.68 18.25 -8.60
C5 SAH B . -13.55 18.00 -9.93
C6 SAH B . -14.49 17.87 -10.96
N6 SAH B . -15.79 18.00 -10.72
N1 SAH B . -14.05 17.62 -12.23
C2 SAH B . -12.70 17.48 -12.48
N3 SAH B . -11.78 17.61 -11.47
C4 SAH B . -12.21 17.87 -10.22
ZN ZN C . -13.23 25.74 28.99
ZN ZN D . -13.46 -30.04 -4.95
#